data_4TQK
#
_entry.id   4TQK
#
_cell.length_a   52.560
_cell.length_b   111.240
_cell.length_c   134.630
_cell.angle_alpha   90.000
_cell.angle_beta   90.000
_cell.angle_gamma   90.000
#
_symmetry.space_group_name_H-M   'P 21 21 21'
#
loop_
_entity.id
_entity.type
_entity.pdbx_description
1 polymer 'Lectin 2'
2 non-polymer 2-acetamido-2-deoxy-beta-D-glucopyranose
3 water water
#
_entity_poly.entity_id   1
_entity_poly.type   'polypeptide(L)'
_entity_poly.pdbx_seq_one_letter_code
;TSNVITQDLPIPVASRGFADIVGFGLDGVVIGRNAVNLQPFLAVKNFAQNAGGWLTTKHVRLIADTTGTGKGDIVGFGNA
GVYVSVNNGKNTFADPPKMVIANFGYDAGGWRVEKHLRYLADIRKTGRADIIGFGEKGVLVSRNNGGLNFGPATLVLKDF
GYDAGGWRLDRHLRFLADVTGNGHLDIVGFGDKHVFISRNNGDGTFAPAKSVIDNFCIDAGGWKIGDHPRFVADLTGDGT
ADIIGCGKAGCWVALNNGGGVFGQVKLVINDFGTDKGWQAAKHPRFIADLTGNGRGDVVGFGNAGVYVALNNGDGTFQSA
KLVLKDFGVQQGWTVSKHRRFVVDLTGDGCADIIGFGEKETLVSYNDGKGNFGPVKALTNDFSFSGGKWAPETTVCWMAN
LDSSRH
;
_entity_poly.pdbx_strand_id   A,B
#
loop_
_chem_comp.id
_chem_comp.type
_chem_comp.name
_chem_comp.formula
NAG D-saccharide, beta linking 2-acetamido-2-deoxy-beta-D-glucopyranose 'C8 H15 N O6'
#
# COMPACT_ATOMS: atom_id res chain seq x y z
N THR A 1 21.01 2.74 2.82
CA THR A 1 20.23 1.77 2.06
C THR A 1 20.39 2.00 0.56
N SER A 2 20.41 0.92 -0.20
CA SER A 2 20.56 1.00 -1.66
C SER A 2 19.72 -0.12 -2.29
N ASN A 3 18.83 0.25 -3.21
CA ASN A 3 18.01 -0.73 -3.92
C ASN A 3 18.82 -1.55 -4.91
N VAL A 4 18.69 -2.87 -4.79
CA VAL A 4 19.56 -3.82 -5.47
C VAL A 4 18.77 -5.00 -6.10
N ILE A 5 19.29 -5.51 -7.22
CA ILE A 5 18.72 -6.67 -7.91
C ILE A 5 19.75 -7.79 -8.05
N THR A 6 19.49 -8.91 -7.39
CA THR A 6 20.42 -10.04 -7.49
C THR A 6 19.76 -11.24 -8.16
N GLN A 7 20.57 -12.24 -8.49
CA GLN A 7 20.07 -13.48 -9.09
C GLN A 7 19.15 -14.22 -8.13
N ASP A 8 19.51 -14.27 -6.85
CA ASP A 8 18.66 -14.91 -5.84
C ASP A 8 17.48 -14.02 -5.45
N LEU A 9 17.72 -12.72 -5.38
CA LEU A 9 16.66 -11.77 -5.05
C LEU A 9 16.45 -10.74 -6.18
N PRO A 10 15.75 -11.15 -7.25
CA PRO A 10 15.59 -10.23 -8.38
C PRO A 10 14.59 -9.10 -8.06
N ILE A 11 13.78 -9.29 -7.02
CA ILE A 11 12.78 -8.30 -6.64
C ILE A 11 13.22 -7.54 -5.38
N PRO A 12 13.48 -6.23 -5.54
CA PRO A 12 13.83 -5.32 -4.44
C PRO A 12 12.70 -5.20 -3.42
N VAL A 13 13.02 -5.35 -2.15
CA VAL A 13 12.05 -5.14 -1.08
C VAL A 13 12.48 -3.93 -0.23
N ALA A 14 11.51 -3.12 0.20
CA ALA A 14 11.81 -1.91 0.95
C ALA A 14 12.42 -2.24 2.30
N SER A 15 13.49 -1.54 2.68
CA SER A 15 14.13 -1.80 3.97
C SER A 15 13.26 -1.32 5.14
N ARG A 16 12.36 -0.37 4.87
CA ARG A 16 11.41 0.10 5.86
C ARG A 16 10.03 0.10 5.19
N GLY A 17 9.14 -0.77 5.67
CA GLY A 17 7.86 -0.95 5.03
C GLY A 17 7.20 -2.26 5.43
N PHE A 18 6.18 -2.63 4.66
CA PHE A 18 5.37 -3.79 4.97
C PHE A 18 5.32 -4.73 3.78
N ALA A 19 6.28 -5.67 3.73
CA ALA A 19 6.38 -6.59 2.60
C ALA A 19 5.20 -7.55 2.52
N ASP A 20 4.66 -7.70 1.31
CA ASP A 20 3.53 -8.59 1.03
C ASP A 20 4.04 -9.92 0.52
N ILE A 21 3.19 -10.94 0.58
CA ILE A 21 3.54 -12.25 0.06
C ILE A 21 2.96 -12.40 -1.33
N VAL A 22 3.77 -12.86 -2.28
CA VAL A 22 3.28 -13.18 -3.62
C VAL A 22 3.67 -14.61 -3.98
N GLY A 23 2.67 -15.48 -4.11
CA GLY A 23 2.92 -16.87 -4.40
C GLY A 23 2.36 -17.30 -5.76
N PHE A 24 3.25 -17.79 -6.62
CA PHE A 24 2.80 -18.37 -7.87
C PHE A 24 2.51 -19.84 -7.59
N GLY A 25 1.25 -20.11 -7.27
CA GLY A 25 0.86 -21.43 -6.82
C GLY A 25 0.47 -22.33 -7.96
N LEU A 26 -0.07 -23.50 -7.63
CA LEU A 26 -0.47 -24.45 -8.65
C LEU A 26 -1.58 -23.92 -9.54
N ASP A 27 -2.48 -23.12 -8.99
CA ASP A 27 -3.65 -22.72 -9.77
C ASP A 27 -3.68 -21.26 -10.18
N GLY A 28 -2.66 -20.50 -9.79
CA GLY A 28 -2.60 -19.11 -10.17
C GLY A 28 -1.78 -18.29 -9.19
N VAL A 29 -1.81 -16.98 -9.36
CA VAL A 29 -1.10 -16.09 -8.48
C VAL A 29 -1.92 -15.89 -7.20
N VAL A 30 -1.36 -16.31 -6.08
CA VAL A 30 -2.02 -16.14 -4.78
C VAL A 30 -1.41 -14.96 -4.02
N ILE A 31 -2.20 -13.91 -3.81
CA ILE A 31 -1.70 -12.70 -3.15
C ILE A 31 -1.92 -12.73 -1.62
N GLY A 32 -0.83 -12.52 -0.89
CA GLY A 32 -0.86 -12.48 0.56
C GLY A 32 -0.53 -11.09 1.09
N ARG A 33 -1.49 -10.19 1.03
CA ARG A 33 -1.29 -8.78 1.32
C ARG A 33 -1.02 -8.61 2.81
N ASN A 34 0.08 -7.95 3.14
CA ASN A 34 0.40 -7.67 4.53
C ASN A 34 -0.73 -6.86 5.16
N ALA A 35 -1.52 -7.51 6.00
CA ALA A 35 -2.70 -6.88 6.58
C ALA A 35 -3.09 -7.59 7.87
N VAL A 36 -3.97 -6.96 8.65
CA VAL A 36 -4.30 -7.46 9.99
C VAL A 36 -4.87 -8.87 9.97
N ASN A 37 -5.72 -9.16 8.99
CA ASN A 37 -6.28 -10.48 8.85
C ASN A 37 -5.86 -11.02 7.49
N LEU A 38 -4.67 -11.60 7.45
CA LEU A 38 -4.07 -12.08 6.22
C LEU A 38 -5.00 -13.06 5.50
N GLN A 39 -5.44 -12.68 4.30
CA GLN A 39 -6.42 -13.49 3.55
C GLN A 39 -5.95 -13.72 2.12
N PRO A 40 -5.16 -14.77 1.91
CA PRO A 40 -4.66 -15.03 0.57
C PRO A 40 -5.80 -15.24 -0.42
N PHE A 41 -5.73 -14.58 -1.57
CA PHE A 41 -6.76 -14.77 -2.57
C PHE A 41 -6.14 -15.07 -3.93
N LEU A 42 -6.80 -15.94 -4.68
CA LEU A 42 -6.34 -16.33 -6.00
C LEU A 42 -6.60 -15.17 -6.94
N ALA A 43 -5.57 -14.36 -7.19
CA ALA A 43 -5.67 -13.11 -7.95
C ALA A 43 -5.74 -13.28 -9.47
N VAL A 44 -4.95 -14.22 -10.00
CA VAL A 44 -4.92 -14.48 -11.45
C VAL A 44 -4.80 -15.99 -11.71
N LYS A 45 -5.71 -16.53 -12.50
CA LYS A 45 -5.60 -17.93 -12.89
C LYS A 45 -4.67 -18.08 -14.10
N ASN A 46 -3.40 -17.73 -13.91
CA ASN A 46 -2.38 -17.83 -14.95
C ASN A 46 -1.02 -17.81 -14.27
N PHE A 47 0.05 -17.82 -15.05
CA PHE A 47 1.40 -17.78 -14.47
C PHE A 47 1.68 -19.00 -13.59
N ALA A 48 0.97 -20.10 -13.82
CA ALA A 48 1.02 -21.22 -12.89
C ALA A 48 1.30 -22.58 -13.52
N GLN A 49 1.77 -23.50 -12.68
CA GLN A 49 1.95 -24.89 -13.04
C GLN A 49 0.72 -25.43 -13.76
N ASN A 50 -0.45 -25.28 -13.14
CA ASN A 50 -1.69 -25.80 -13.68
C ASN A 50 -2.67 -24.70 -14.08
N ALA A 51 -2.09 -23.57 -14.49
CA ALA A 51 -2.84 -22.53 -15.19
C ALA A 51 -1.88 -21.73 -16.06
N GLY A 52 -1.70 -22.18 -17.30
CA GLY A 52 -0.84 -21.49 -18.25
C GLY A 52 0.40 -22.26 -18.65
N GLY A 53 0.64 -23.39 -18.00
CA GLY A 53 1.83 -24.20 -18.25
C GLY A 53 3.13 -23.47 -17.93
N TRP A 54 3.19 -22.82 -16.77
CA TRP A 54 4.37 -22.10 -16.32
C TRP A 54 5.19 -23.03 -15.46
N LEU A 55 6.46 -23.20 -15.83
CA LEU A 55 7.30 -24.18 -15.15
C LEU A 55 8.54 -23.54 -14.56
N THR A 56 8.90 -23.92 -13.34
CA THR A 56 10.06 -23.29 -12.71
C THR A 56 11.35 -23.54 -13.49
N THR A 57 11.35 -24.57 -14.33
CA THR A 57 12.54 -24.92 -15.11
C THR A 57 12.66 -24.16 -16.44
N LYS A 58 11.60 -23.49 -16.86
CA LYS A 58 11.61 -22.77 -18.14
C LYS A 58 11.43 -21.27 -17.99
N HIS A 59 10.68 -20.86 -16.97
CA HIS A 59 10.15 -19.50 -16.97
C HIS A 59 10.58 -18.68 -15.77
N VAL A 60 10.39 -17.36 -15.88
CA VAL A 60 10.71 -16.44 -14.80
C VAL A 60 9.49 -15.63 -14.41
N ARG A 61 9.19 -15.58 -13.12
CA ARG A 61 7.99 -14.91 -12.64
C ARG A 61 8.32 -13.91 -11.52
N LEU A 62 7.97 -12.65 -11.76
CA LEU A 62 8.40 -11.55 -10.90
C LEU A 62 7.25 -10.59 -10.61
N ILE A 63 7.54 -9.60 -9.76
CA ILE A 63 6.65 -8.46 -9.54
C ILE A 63 7.42 -7.19 -9.87
N ALA A 64 6.87 -6.35 -10.73
CA ALA A 64 7.49 -5.07 -11.00
C ALA A 64 6.46 -4.05 -11.46
N ASP A 65 6.75 -2.77 -11.26
CA ASP A 65 5.82 -1.74 -11.73
C ASP A 65 6.08 -1.43 -13.19
N THR A 66 5.23 -1.95 -14.06
CA THR A 66 5.45 -1.78 -15.50
C THR A 66 4.65 -0.61 -16.08
N THR A 67 3.92 0.10 -15.25
CA THR A 67 3.04 1.16 -15.78
C THR A 67 3.34 2.53 -15.19
N GLY A 68 4.00 2.54 -14.04
CA GLY A 68 4.40 3.79 -13.41
C GLY A 68 3.38 4.33 -12.42
N THR A 69 2.46 3.48 -11.97
CA THR A 69 1.46 3.89 -11.00
C THR A 69 1.97 3.66 -9.57
N GLY A 70 3.13 3.05 -9.46
CA GLY A 70 3.67 2.65 -8.17
C GLY A 70 3.08 1.36 -7.61
N LYS A 71 2.21 0.72 -8.37
CA LYS A 71 1.59 -0.54 -7.97
C LYS A 71 2.27 -1.69 -8.70
N GLY A 72 2.76 -2.68 -7.97
CA GLY A 72 3.50 -3.77 -8.58
C GLY A 72 2.59 -4.64 -9.43
N ASP A 73 2.99 -4.90 -10.67
CA ASP A 73 2.21 -5.77 -11.54
C ASP A 73 2.76 -7.20 -11.54
N ILE A 74 1.99 -8.13 -12.10
CA ILE A 74 2.48 -9.50 -12.25
C ILE A 74 3.12 -9.62 -13.62
N VAL A 75 4.42 -9.95 -13.64
CA VAL A 75 5.16 -10.07 -14.88
C VAL A 75 5.82 -11.44 -14.98
N GLY A 76 5.70 -12.08 -16.14
CA GLY A 76 6.22 -13.42 -16.32
C GLY A 76 6.81 -13.54 -17.70
N PHE A 77 7.99 -14.15 -17.78
CA PHE A 77 8.66 -14.45 -19.04
C PHE A 77 8.33 -15.90 -19.38
N GLY A 78 7.38 -16.09 -20.30
CA GLY A 78 6.91 -17.44 -20.61
C GLY A 78 7.49 -18.03 -21.88
N ASN A 79 6.66 -18.77 -22.60
CA ASN A 79 7.09 -19.38 -23.86
C ASN A 79 7.21 -18.37 -25.00
N ALA A 80 6.10 -17.74 -25.37
CA ALA A 80 6.09 -16.83 -26.52
C ALA A 80 6.56 -15.39 -26.22
N GLY A 81 6.81 -15.09 -24.95
CA GLY A 81 7.31 -13.79 -24.58
C GLY A 81 6.99 -13.40 -23.16
N VAL A 82 6.92 -12.08 -22.92
CA VAL A 82 6.64 -11.53 -21.60
C VAL A 82 5.16 -11.19 -21.47
N TYR A 83 4.55 -11.66 -20.39
CA TYR A 83 3.14 -11.42 -20.16
C TYR A 83 2.99 -10.57 -18.92
N VAL A 84 2.03 -9.65 -18.92
CA VAL A 84 1.77 -8.82 -17.75
C VAL A 84 0.29 -8.79 -17.34
N SER A 85 0.03 -9.00 -16.05
CA SER A 85 -1.27 -8.66 -15.45
C SER A 85 -1.12 -7.34 -14.70
N VAL A 86 -1.76 -6.29 -15.19
CA VAL A 86 -1.66 -5.00 -14.52
C VAL A 86 -2.37 -4.96 -13.17
N ASN A 87 -1.73 -4.31 -12.20
CA ASN A 87 -2.33 -4.04 -10.89
C ASN A 87 -3.09 -2.72 -10.99
N ASN A 88 -4.41 -2.75 -10.81
CA ASN A 88 -5.22 -1.55 -11.06
C ASN A 88 -5.24 -0.53 -9.93
N GLY A 89 -4.54 -0.84 -8.84
CA GLY A 89 -4.50 0.05 -7.70
C GLY A 89 -5.60 -0.22 -6.69
N LYS A 90 -6.47 -1.17 -6.99
CA LYS A 90 -7.53 -1.58 -6.06
C LYS A 90 -7.47 -3.08 -5.83
N ASN A 91 -6.26 -3.59 -5.68
CA ASN A 91 -6.03 -4.97 -5.30
C ASN A 91 -6.67 -5.98 -6.27
N THR A 92 -6.82 -5.58 -7.52
CA THR A 92 -7.15 -6.55 -8.57
C THR A 92 -6.20 -6.46 -9.75
N PHE A 93 -5.90 -7.62 -10.32
CA PHE A 93 -4.93 -7.72 -11.41
C PHE A 93 -5.63 -8.28 -12.64
N ALA A 94 -5.33 -7.73 -13.81
CA ALA A 94 -5.95 -8.20 -15.04
C ALA A 94 -5.77 -9.71 -15.19
N ASP A 95 -6.85 -10.38 -15.55
CA ASP A 95 -6.87 -11.82 -15.81
C ASP A 95 -7.81 -12.07 -16.98
N PRO A 96 -7.31 -12.68 -18.07
CA PRO A 96 -5.93 -13.16 -18.27
C PRO A 96 -4.95 -11.99 -18.39
N PRO A 97 -3.64 -12.28 -18.43
CA PRO A 97 -2.64 -11.25 -18.64
C PRO A 97 -2.52 -11.03 -20.14
N LYS A 98 -1.71 -10.08 -20.57
CA LYS A 98 -1.51 -9.88 -22.01
C LYS A 98 -0.03 -9.87 -22.38
N MET A 99 0.30 -10.21 -23.62
CA MET A 99 1.70 -10.20 -24.06
C MET A 99 2.17 -8.78 -24.41
N VAL A 100 3.28 -8.36 -23.81
CA VAL A 100 3.80 -7.01 -24.00
C VAL A 100 5.02 -6.97 -24.91
N ILE A 101 5.62 -8.14 -25.16
CA ILE A 101 6.70 -8.26 -26.15
C ILE A 101 6.99 -9.72 -26.43
N ALA A 102 7.01 -10.09 -27.72
CA ALA A 102 7.34 -11.46 -28.11
C ALA A 102 8.86 -11.66 -28.13
N ASN A 103 9.47 -11.66 -26.95
CA ASN A 103 10.91 -11.85 -26.82
C ASN A 103 11.27 -12.13 -25.37
N PHE A 104 12.52 -12.50 -25.11
CA PHE A 104 12.92 -12.88 -23.77
C PHE A 104 12.11 -14.08 -23.28
N GLY A 105 11.76 -14.99 -24.18
CA GLY A 105 11.01 -16.17 -23.80
C GLY A 105 11.66 -17.47 -24.23
N TYR A 106 11.19 -18.59 -23.67
CA TYR A 106 11.78 -19.90 -23.98
C TYR A 106 11.74 -20.19 -25.49
N ASP A 107 10.61 -19.90 -26.12
CA ASP A 107 10.46 -20.03 -27.58
C ASP A 107 10.38 -18.67 -28.28
N ALA A 108 10.93 -17.63 -27.67
CA ALA A 108 10.96 -16.32 -28.31
C ALA A 108 12.30 -15.68 -28.00
N GLY A 109 13.30 -16.09 -28.75
CA GLY A 109 14.68 -15.68 -28.52
C GLY A 109 15.53 -16.76 -27.87
N GLY A 110 14.96 -17.94 -27.68
CA GLY A 110 15.68 -19.04 -27.07
C GLY A 110 16.26 -18.77 -25.68
N TRP A 111 15.45 -18.19 -24.80
CA TRP A 111 15.96 -17.85 -23.48
C TRP A 111 15.93 -19.06 -22.56
N ARG A 112 16.96 -19.20 -21.74
CA ARG A 112 17.16 -20.40 -20.94
C ARG A 112 17.52 -20.02 -19.51
N VAL A 113 16.81 -20.62 -18.56
CA VAL A 113 17.09 -20.40 -17.15
C VAL A 113 18.53 -20.83 -16.81
N GLU A 114 19.07 -21.76 -17.60
CA GLU A 114 20.40 -22.31 -17.35
C GLU A 114 21.52 -21.43 -17.91
N LYS A 115 21.18 -20.55 -18.84
CA LYS A 115 22.20 -19.78 -19.55
C LYS A 115 22.09 -18.26 -19.40
N HIS A 116 20.90 -17.75 -19.11
CA HIS A 116 20.67 -16.30 -19.14
C HIS A 116 19.96 -15.79 -17.89
N LEU A 117 19.99 -14.47 -17.70
CA LEU A 117 19.29 -13.82 -16.59
C LEU A 117 18.29 -12.82 -17.14
N ARG A 118 17.11 -12.75 -16.54
CA ARG A 118 16.10 -11.77 -16.95
C ARG A 118 15.57 -11.01 -15.74
N TYR A 119 15.70 -9.68 -15.80
CA TYR A 119 15.38 -8.78 -14.69
C TYR A 119 14.45 -7.69 -15.17
N LEU A 120 13.76 -7.09 -14.22
CA LEU A 120 12.91 -5.94 -14.47
C LEU A 120 13.42 -4.80 -13.59
N ALA A 121 13.88 -3.70 -14.20
CA ALA A 121 14.41 -2.58 -13.42
C ALA A 121 14.15 -1.22 -14.05
N ASP A 122 14.02 -0.20 -13.20
CA ASP A 122 13.80 1.18 -13.64
C ASP A 122 15.14 1.86 -13.90
N ILE A 123 15.91 1.29 -14.84
CA ILE A 123 17.27 1.76 -15.12
C ILE A 123 17.33 3.16 -15.69
N ARG A 124 16.23 3.67 -16.22
CA ARG A 124 16.27 5.03 -16.76
C ARG A 124 15.71 6.02 -15.76
N LYS A 125 15.36 5.52 -14.58
CA LYS A 125 14.66 6.32 -13.55
C LYS A 125 13.51 7.13 -14.15
N THR A 126 12.57 6.45 -14.76
CA THR A 126 11.41 7.11 -15.34
C THR A 126 10.11 6.67 -14.65
N GLY A 127 10.24 5.89 -13.58
CA GLY A 127 9.09 5.45 -12.80
C GLY A 127 8.45 4.14 -13.20
N ARG A 128 9.08 3.40 -14.12
CA ARG A 128 8.54 2.10 -14.54
C ARG A 128 9.66 1.23 -15.09
N ALA A 129 9.41 -0.07 -15.15
CA ALA A 129 10.47 -1.05 -15.36
C ALA A 129 10.78 -1.38 -16.82
N ASP A 130 12.05 -1.22 -17.20
CA ASP A 130 12.56 -1.73 -18.46
C ASP A 130 12.87 -3.21 -18.31
N ILE A 131 12.95 -3.94 -19.42
CA ILE A 131 13.40 -5.32 -19.36
C ILE A 131 14.89 -5.36 -19.66
N ILE A 132 15.64 -6.00 -18.77
CA ILE A 132 17.07 -6.16 -18.91
C ILE A 132 17.37 -7.65 -18.95
N GLY A 133 17.98 -8.13 -20.03
CA GLY A 133 18.37 -9.52 -20.13
C GLY A 133 19.85 -9.69 -20.38
N PHE A 134 20.49 -10.59 -19.64
CA PHE A 134 21.84 -10.96 -19.97
C PHE A 134 21.72 -12.21 -20.81
N GLY A 135 21.88 -12.03 -22.12
CA GLY A 135 21.61 -13.10 -23.06
C GLY A 135 22.86 -13.66 -23.68
N GLU A 136 22.76 -14.04 -24.95
CA GLU A 136 23.81 -14.75 -25.63
C GLU A 136 24.95 -13.80 -26.00
N LYS A 137 24.63 -12.64 -26.58
CA LYS A 137 25.63 -11.72 -27.10
C LYS A 137 25.89 -10.52 -26.22
N GLY A 138 25.36 -10.54 -24.99
CA GLY A 138 25.58 -9.44 -24.08
C GLY A 138 24.30 -9.03 -23.37
N VAL A 139 24.20 -7.75 -23.05
CA VAL A 139 23.04 -7.22 -22.35
C VAL A 139 22.02 -6.71 -23.37
N LEU A 140 20.83 -7.29 -23.34
CA LEU A 140 19.71 -6.86 -24.17
C LEU A 140 18.78 -6.01 -23.33
N VAL A 141 18.38 -4.85 -23.86
CA VAL A 141 17.43 -4.00 -23.16
C VAL A 141 16.19 -3.70 -24.03
N SER A 142 15.02 -3.79 -23.40
CA SER A 142 13.79 -3.37 -24.02
C SER A 142 13.22 -2.19 -23.23
N ARG A 143 12.98 -1.09 -23.92
CA ARG A 143 12.50 0.12 -23.27
C ARG A 143 11.00 0.07 -23.03
N ASN A 144 10.62 0.18 -21.77
CA ASN A 144 9.22 0.34 -21.42
C ASN A 144 8.75 1.72 -21.87
N ASN A 145 8.11 1.78 -23.03
CA ASN A 145 7.73 3.05 -23.63
C ASN A 145 6.36 3.54 -23.18
N GLY A 146 5.78 2.85 -22.21
CA GLY A 146 4.53 3.30 -21.61
C GLY A 146 3.33 2.59 -22.17
N GLY A 147 2.28 2.47 -21.37
CA GLY A 147 1.05 1.81 -21.79
C GLY A 147 1.27 0.44 -22.38
N LEU A 148 2.27 -0.27 -21.84
CA LEU A 148 2.58 -1.64 -22.25
C LEU A 148 3.13 -1.73 -23.68
N ASN A 149 3.57 -0.60 -24.22
CA ASN A 149 4.40 -0.63 -25.41
C ASN A 149 5.84 -0.82 -25.02
N PHE A 150 6.46 -1.82 -25.62
CA PHE A 150 7.87 -2.12 -25.38
C PHE A 150 8.65 -2.06 -26.67
N GLY A 151 9.79 -1.36 -26.66
CA GLY A 151 10.67 -1.29 -27.82
C GLY A 151 11.40 -2.58 -28.12
N PRO A 152 11.90 -2.73 -29.36
CA PRO A 152 12.63 -3.93 -29.74
C PRO A 152 13.80 -4.26 -28.83
N ALA A 153 13.96 -5.53 -28.47
CA ALA A 153 15.11 -5.96 -27.68
C ALA A 153 16.40 -5.54 -28.37
N THR A 154 17.16 -4.67 -27.72
CA THR A 154 18.37 -4.11 -28.31
C THR A 154 19.62 -4.42 -27.47
N LEU A 155 20.64 -4.95 -28.14
CA LEU A 155 21.95 -5.21 -27.52
C LEU A 155 22.62 -3.88 -27.15
N VAL A 156 22.56 -3.52 -25.87
CA VAL A 156 23.14 -2.23 -25.41
C VAL A 156 24.61 -2.34 -25.02
N LEU A 157 25.12 -3.56 -24.92
CA LEU A 157 26.49 -3.79 -24.47
C LEU A 157 26.92 -5.20 -24.81
N LYS A 158 28.04 -5.33 -25.51
CA LYS A 158 28.58 -6.63 -25.91
C LYS A 158 29.48 -7.28 -24.84
N ASP A 159 28.88 -7.60 -23.70
CA ASP A 159 29.63 -8.13 -22.56
C ASP A 159 28.65 -8.74 -21.56
N PHE A 160 29.16 -9.48 -20.59
CA PHE A 160 28.32 -10.12 -19.56
C PHE A 160 27.33 -11.15 -20.11
N GLY A 161 27.50 -11.52 -21.39
CA GLY A 161 26.63 -12.49 -22.04
C GLY A 161 27.24 -13.87 -22.18
N TYR A 162 26.37 -14.86 -22.36
CA TYR A 162 26.80 -16.26 -22.41
C TYR A 162 27.89 -16.47 -23.48
N ASP A 163 27.82 -15.68 -24.55
CA ASP A 163 28.82 -15.75 -25.59
C ASP A 163 29.51 -14.39 -25.75
N ALA A 164 29.74 -13.72 -24.63
CA ALA A 164 30.47 -12.45 -24.63
C ALA A 164 30.75 -11.93 -23.21
N GLY A 165 31.93 -12.16 -22.67
CA GLY A 165 32.82 -13.19 -23.11
C GLY A 165 32.65 -14.30 -22.08
N GLY A 166 31.88 -15.31 -22.46
CA GLY A 166 31.78 -16.55 -21.70
C GLY A 166 31.41 -16.41 -20.25
N TRP A 167 30.26 -15.80 -19.97
CA TRP A 167 29.75 -15.69 -18.61
C TRP A 167 28.88 -16.91 -18.29
N ARG A 168 29.07 -17.49 -17.12
CA ARG A 168 28.47 -18.78 -16.81
C ARG A 168 27.80 -18.76 -15.46
N LEU A 169 26.55 -19.23 -15.40
CA LEU A 169 25.81 -19.23 -14.16
C LEU A 169 26.43 -20.15 -13.10
N ASP A 170 27.33 -21.04 -13.52
CA ASP A 170 28.00 -21.92 -12.55
C ASP A 170 29.37 -21.38 -12.10
N ARG A 171 29.70 -20.18 -12.57
CA ARG A 171 31.00 -19.56 -12.28
C ARG A 171 30.92 -18.09 -11.89
N HIS A 172 29.86 -17.40 -12.31
CA HIS A 172 29.87 -15.94 -12.29
C HIS A 172 28.59 -15.33 -11.72
N LEU A 173 28.67 -14.07 -11.33
CA LEU A 173 27.51 -13.41 -10.72
C LEU A 173 27.20 -12.10 -11.45
N ARG A 174 25.93 -11.86 -11.74
CA ARG A 174 25.51 -10.61 -12.39
C ARG A 174 24.33 -9.94 -11.71
N PHE A 175 24.58 -8.75 -11.15
CA PHE A 175 23.62 -8.04 -10.31
C PHE A 175 23.36 -6.65 -10.85
N LEU A 176 22.28 -6.02 -10.38
CA LEU A 176 22.09 -4.61 -10.69
C LEU A 176 22.13 -3.82 -9.38
N ALA A 177 22.97 -2.78 -9.37
CA ALA A 177 23.17 -1.99 -8.16
C ALA A 177 23.72 -0.62 -8.51
N ASP A 178 23.27 0.40 -7.79
CA ASP A 178 23.81 1.74 -7.99
C ASP A 178 25.10 1.85 -7.21
N VAL A 179 26.23 1.62 -7.87
CA VAL A 179 27.51 1.75 -7.24
C VAL A 179 28.11 3.14 -7.45
N THR A 180 27.66 3.82 -8.51
CA THR A 180 28.31 5.09 -8.85
C THR A 180 27.73 6.27 -8.09
N GLY A 181 26.54 6.10 -7.54
CA GLY A 181 25.96 7.12 -6.68
C GLY A 181 25.13 8.16 -7.42
N ASN A 182 24.77 7.87 -8.67
CA ASN A 182 23.93 8.79 -9.44
C ASN A 182 22.47 8.35 -9.49
N GLY A 183 22.07 7.48 -8.59
CA GLY A 183 20.69 7.03 -8.54
C GLY A 183 20.26 5.98 -9.57
N HIS A 184 21.12 5.70 -10.54
CA HIS A 184 20.82 4.68 -11.54
C HIS A 184 21.55 3.37 -11.30
N LEU A 185 20.84 2.26 -11.52
CA LEU A 185 21.38 0.92 -11.34
C LEU A 185 22.48 0.59 -12.35
N ASP A 186 23.63 0.17 -11.85
CA ASP A 186 24.75 -0.22 -12.70
C ASP A 186 24.85 -1.75 -12.78
N ILE A 187 25.53 -2.25 -13.80
CA ILE A 187 25.75 -3.69 -13.89
C ILE A 187 26.94 -4.03 -13.02
N VAL A 188 26.78 -4.98 -12.12
CA VAL A 188 27.89 -5.45 -11.32
C VAL A 188 28.05 -6.93 -11.62
N GLY A 189 29.21 -7.29 -12.16
CA GLY A 189 29.45 -8.66 -12.58
C GLY A 189 30.71 -9.25 -11.98
N PHE A 190 30.57 -10.39 -11.33
CA PHE A 190 31.71 -11.12 -10.78
C PHE A 190 32.17 -12.16 -11.80
N GLY A 191 33.23 -11.86 -12.53
CA GLY A 191 33.69 -12.73 -13.60
C GLY A 191 34.78 -13.69 -13.16
N ASP A 192 35.69 -14.02 -14.08
CA ASP A 192 36.79 -14.92 -13.75
C ASP A 192 37.76 -14.30 -12.75
N LYS A 193 38.40 -13.21 -13.16
CA LYS A 193 39.52 -12.65 -12.42
C LYS A 193 39.23 -11.30 -11.76
N HIS A 194 38.08 -10.70 -12.09
CA HIS A 194 37.74 -9.40 -11.52
C HIS A 194 36.24 -9.23 -11.32
N VAL A 195 35.90 -8.36 -10.38
CA VAL A 195 34.56 -7.81 -10.33
C VAL A 195 34.61 -6.64 -11.30
N PHE A 196 33.67 -6.64 -12.25
CA PHE A 196 33.56 -5.56 -13.22
C PHE A 196 32.33 -4.75 -12.89
N ILE A 197 32.34 -3.48 -13.26
CA ILE A 197 31.15 -2.67 -13.22
C ILE A 197 30.93 -2.03 -14.59
N SER A 198 29.68 -1.92 -15.00
CA SER A 198 29.34 -1.13 -16.18
C SER A 198 28.46 0.01 -15.77
N ARG A 199 28.99 1.22 -15.86
CA ARG A 199 28.26 2.42 -15.46
C ARG A 199 26.96 2.59 -16.23
N ASN A 200 25.87 2.74 -15.50
CA ASN A 200 24.61 3.12 -16.12
C ASN A 200 24.74 4.57 -16.56
N ASN A 201 24.71 4.79 -17.87
CA ASN A 201 24.78 6.16 -18.39
C ASN A 201 23.55 7.00 -18.02
N GLY A 202 22.38 6.39 -18.11
CA GLY A 202 21.13 7.02 -17.72
C GLY A 202 20.09 7.05 -18.82
N ASP A 203 20.49 6.62 -20.01
CA ASP A 203 19.69 6.80 -21.21
C ASP A 203 19.16 5.48 -21.77
N GLY A 204 19.40 4.40 -21.04
CA GLY A 204 18.98 3.09 -21.48
C GLY A 204 20.18 2.28 -21.96
N THR A 205 21.37 2.84 -21.77
CA THR A 205 22.59 2.20 -22.23
C THR A 205 23.62 2.12 -21.10
N PHE A 206 24.68 1.37 -21.35
CA PHE A 206 25.70 1.09 -20.36
C PHE A 206 27.09 1.21 -20.95
N ALA A 207 27.96 1.92 -20.23
CA ALA A 207 29.36 2.05 -20.60
C ALA A 207 30.12 0.72 -20.54
N PRO A 208 31.26 0.64 -21.24
CA PRO A 208 32.02 -0.62 -21.27
C PRO A 208 32.49 -1.05 -19.89
N ALA A 209 32.69 -2.35 -19.72
CA ALA A 209 33.05 -2.93 -18.44
C ALA A 209 34.38 -2.40 -17.95
N LYS A 210 34.44 -2.10 -16.65
CA LYS A 210 35.70 -1.72 -16.02
C LYS A 210 35.98 -2.56 -14.78
N SER A 211 37.23 -3.03 -14.64
CA SER A 211 37.64 -3.83 -13.49
C SER A 211 37.88 -2.97 -12.27
N VAL A 212 37.19 -3.29 -11.17
CA VAL A 212 37.33 -2.51 -9.92
C VAL A 212 37.88 -3.31 -8.74
N ILE A 213 37.80 -4.63 -8.80
CA ILE A 213 38.27 -5.46 -7.70
C ILE A 213 38.88 -6.77 -8.21
N ASP A 214 40.06 -7.11 -7.72
CA ASP A 214 40.71 -8.35 -8.09
C ASP A 214 40.51 -9.40 -6.99
N ASN A 215 39.24 -9.73 -6.75
CA ASN A 215 38.85 -10.68 -5.71
C ASN A 215 37.39 -11.09 -5.91
N PHE A 216 36.87 -11.90 -4.99
CA PHE A 216 35.46 -12.29 -4.96
C PHE A 216 35.06 -13.15 -6.17
N CYS A 217 36.05 -13.71 -6.85
CA CYS A 217 35.82 -14.42 -8.10
C CYS A 217 36.37 -15.84 -8.06
N ILE A 218 35.89 -16.65 -9.00
CA ILE A 218 36.32 -18.04 -9.12
C ILE A 218 37.83 -18.16 -9.35
N ASP A 219 38.40 -17.21 -10.09
CA ASP A 219 39.84 -17.23 -10.32
C ASP A 219 40.49 -16.00 -9.71
N ALA A 220 39.86 -15.43 -8.70
CA ALA A 220 40.47 -14.36 -7.91
C ALA A 220 40.05 -14.50 -6.45
N GLY A 221 40.79 -15.32 -5.71
CA GLY A 221 40.48 -15.60 -4.32
C GLY A 221 39.74 -16.91 -4.08
N GLY A 222 39.50 -17.66 -5.16
CA GLY A 222 38.89 -18.96 -5.06
C GLY A 222 37.41 -18.98 -4.68
N TRP A 223 36.68 -17.98 -5.13
CA TRP A 223 35.25 -17.88 -4.81
C TRP A 223 34.38 -18.78 -5.69
N LYS A 224 33.74 -19.77 -5.10
CA LYS A 224 32.88 -20.65 -5.87
C LYS A 224 31.40 -20.34 -5.68
N ILE A 225 30.65 -20.46 -6.77
CA ILE A 225 29.24 -20.13 -6.83
C ILE A 225 28.40 -20.71 -5.70
N GLY A 226 28.40 -22.02 -5.57
CA GLY A 226 27.58 -22.57 -4.51
C GLY A 226 28.10 -22.13 -3.16
N ASP A 227 29.36 -22.43 -2.92
CA ASP A 227 29.91 -22.48 -1.58
C ASP A 227 30.19 -21.12 -0.94
N HIS A 228 30.45 -20.11 -1.77
CA HIS A 228 30.85 -18.79 -1.28
C HIS A 228 30.00 -17.66 -1.85
N PRO A 229 28.81 -17.45 -1.28
CA PRO A 229 27.85 -16.46 -1.80
C PRO A 229 28.32 -15.02 -1.67
N ARG A 230 27.99 -14.22 -2.66
CA ARG A 230 28.36 -12.81 -2.66
C ARG A 230 27.12 -11.93 -2.81
N PHE A 231 27.22 -10.70 -2.32
CA PHE A 231 26.09 -9.79 -2.29
C PHE A 231 26.58 -8.39 -2.56
N VAL A 232 25.67 -7.52 -3.00
CA VAL A 232 25.90 -6.09 -3.03
C VAL A 232 24.85 -5.46 -2.12
N ALA A 233 25.29 -4.53 -1.27
CA ALA A 233 24.38 -3.92 -0.32
C ALA A 233 25.04 -2.68 0.25
N ASP A 234 24.25 -1.68 0.61
CA ASP A 234 24.79 -0.51 1.29
C ASP A 234 25.22 -0.94 2.68
N LEU A 235 26.53 -0.86 2.95
CA LEU A 235 27.06 -1.29 4.24
C LEU A 235 27.56 -0.09 5.06
N THR A 236 27.48 1.09 4.47
CA THR A 236 28.01 2.31 5.09
C THR A 236 26.94 3.40 5.25
N GLY A 237 25.81 3.24 4.56
CA GLY A 237 24.67 4.15 4.67
C GLY A 237 24.67 5.38 3.76
N ASP A 238 25.50 5.38 2.73
CA ASP A 238 25.60 6.52 1.82
C ASP A 238 24.79 6.33 0.53
N GLY A 239 23.91 5.32 0.50
CA GLY A 239 23.02 5.10 -0.63
C GLY A 239 23.71 4.45 -1.80
N THR A 240 24.95 4.05 -1.56
CA THR A 240 25.82 3.51 -2.58
C THR A 240 26.14 2.04 -2.25
N ALA A 241 26.00 1.15 -3.22
CA ALA A 241 26.17 -0.30 -2.96
C ALA A 241 27.61 -0.74 -2.73
N ASP A 242 27.86 -1.42 -1.62
CA ASP A 242 29.16 -2.03 -1.37
C ASP A 242 29.08 -3.51 -1.71
N ILE A 243 30.23 -4.19 -1.63
CA ILE A 243 30.30 -5.61 -1.93
C ILE A 243 30.65 -6.40 -0.67
N ILE A 244 29.96 -7.52 -0.45
CA ILE A 244 30.26 -8.40 0.67
C ILE A 244 30.05 -9.87 0.31
N GLY A 245 30.96 -10.72 0.74
CA GLY A 245 30.82 -12.15 0.47
C GLY A 245 31.12 -13.02 1.68
N CYS A 246 30.48 -14.18 1.74
CA CYS A 246 30.76 -15.18 2.76
C CYS A 246 31.79 -16.14 2.20
N GLY A 247 33.04 -15.99 2.65
CA GLY A 247 34.13 -16.76 2.08
C GLY A 247 34.38 -18.05 2.86
N LYS A 248 35.66 -18.40 2.98
CA LYS A 248 36.06 -19.57 3.77
C LYS A 248 36.17 -19.25 5.27
N ALA A 249 36.97 -18.24 5.58
CA ALA A 249 37.24 -17.88 6.97
C ALA A 249 36.20 -16.92 7.58
N GLY A 250 35.24 -16.50 6.77
CA GLY A 250 34.21 -15.58 7.23
C GLY A 250 33.75 -14.63 6.13
N CYS A 251 33.24 -13.46 6.53
CA CYS A 251 32.73 -12.49 5.56
C CYS A 251 33.78 -11.45 5.21
N TRP A 252 33.98 -11.27 3.91
CA TRP A 252 34.92 -10.29 3.40
C TRP A 252 34.11 -9.21 2.73
N VAL A 253 34.62 -7.99 2.74
CA VAL A 253 33.95 -6.89 2.07
C VAL A 253 34.97 -6.04 1.35
N ALA A 254 34.51 -5.31 0.33
CA ALA A 254 35.24 -4.19 -0.25
C ALA A 254 34.26 -3.02 -0.32
N LEU A 255 34.64 -1.91 0.29
CA LEU A 255 33.70 -0.80 0.44
C LEU A 255 33.79 0.22 -0.69
N ASN A 256 32.64 0.80 -1.03
CA ASN A 256 32.52 1.76 -2.11
C ASN A 256 32.86 3.15 -1.58
N ASN A 257 33.68 3.88 -2.31
CA ASN A 257 34.08 5.22 -1.89
C ASN A 257 32.94 6.22 -2.02
N GLY A 258 31.85 5.80 -2.66
CA GLY A 258 30.72 6.67 -2.89
C GLY A 258 30.56 7.00 -4.36
N GLY A 259 31.55 6.58 -5.16
CA GLY A 259 31.52 6.83 -6.59
C GLY A 259 32.00 5.67 -7.45
N GLY A 260 31.97 4.47 -6.89
CA GLY A 260 32.26 3.28 -7.67
C GLY A 260 33.71 2.84 -7.67
N VAL A 261 34.52 3.45 -6.82
CA VAL A 261 35.88 2.95 -6.61
C VAL A 261 35.93 2.24 -5.26
N PHE A 262 36.54 1.07 -5.25
CA PHE A 262 36.47 0.16 -4.11
C PHE A 262 37.77 0.04 -3.34
N GLY A 263 37.65 -0.03 -2.01
CA GLY A 263 38.80 -0.13 -1.13
C GLY A 263 39.27 -1.55 -0.93
N GLN A 264 40.18 -1.75 0.03
CA GLN A 264 40.78 -3.07 0.24
C GLN A 264 39.73 -4.15 0.49
N VAL A 265 40.12 -5.40 0.21
CA VAL A 265 39.28 -6.54 0.53
C VAL A 265 39.67 -7.06 1.91
N LYS A 266 38.80 -6.89 2.89
CA LYS A 266 39.14 -7.20 4.27
C LYS A 266 38.09 -8.06 5.00
N LEU A 267 38.55 -8.77 6.03
CA LEU A 267 37.71 -9.69 6.79
C LEU A 267 37.07 -8.97 7.96
N VAL A 268 35.75 -8.82 7.92
CA VAL A 268 35.04 -8.04 8.92
C VAL A 268 34.23 -8.89 9.90
N ILE A 269 33.91 -10.12 9.50
CA ILE A 269 33.26 -11.07 10.41
C ILE A 269 33.97 -12.41 10.31
N ASN A 270 34.30 -13.00 11.46
CA ASN A 270 34.93 -14.32 11.48
C ASN A 270 33.92 -15.44 11.57
N ASP A 271 32.99 -15.47 10.63
CA ASP A 271 31.91 -16.44 10.69
C ASP A 271 31.08 -16.42 9.40
N PHE A 272 30.16 -17.37 9.28
CA PHE A 272 29.27 -17.48 8.13
C PHE A 272 29.88 -18.11 6.89
N GLY A 273 31.14 -18.53 7.01
CA GLY A 273 31.83 -19.16 5.91
C GLY A 273 31.95 -20.67 6.05
N THR A 274 32.40 -21.32 4.97
CA THR A 274 32.59 -22.78 4.96
C THR A 274 33.40 -23.29 6.15
N ASP A 275 34.41 -22.53 6.58
CA ASP A 275 35.20 -22.93 7.75
C ASP A 275 34.36 -23.16 8.99
N LYS A 276 33.24 -22.46 9.11
CA LYS A 276 32.36 -22.67 10.26
C LYS A 276 31.11 -23.48 9.93
N GLY A 277 31.24 -24.32 8.91
CA GLY A 277 30.25 -25.33 8.63
C GLY A 277 29.15 -24.89 7.70
N TRP A 278 29.19 -23.64 7.25
CA TRP A 278 28.14 -23.13 6.38
C TRP A 278 28.21 -23.74 4.97
N GLN A 279 27.09 -24.33 4.57
CA GLN A 279 27.00 -25.09 3.32
C GLN A 279 25.94 -24.55 2.37
N ALA A 280 26.29 -24.47 1.09
CA ALA A 280 25.37 -24.00 0.07
C ALA A 280 24.00 -24.66 0.19
N ALA A 281 24.01 -25.97 0.42
CA ALA A 281 22.79 -26.78 0.43
C ALA A 281 21.87 -26.61 1.65
N LYS A 282 22.38 -26.09 2.75
CA LYS A 282 21.62 -26.13 3.99
C LYS A 282 21.38 -24.76 4.62
N HIS A 283 22.31 -23.84 4.42
CA HIS A 283 22.36 -22.62 5.23
C HIS A 283 22.26 -21.36 4.40
N PRO A 284 21.03 -20.92 4.11
CA PRO A 284 20.92 -19.67 3.34
C PRO A 284 21.35 -18.44 4.14
N ARG A 285 22.05 -17.52 3.48
CA ARG A 285 22.50 -16.28 4.09
C ARG A 285 21.99 -15.04 3.36
N PHE A 286 21.72 -13.98 4.10
CA PHE A 286 21.14 -12.76 3.54
C PHE A 286 21.86 -11.55 4.11
N ILE A 287 21.66 -10.41 3.45
CA ILE A 287 22.04 -9.13 4.01
C ILE A 287 20.77 -8.30 4.12
N ALA A 288 20.47 -7.86 5.34
CA ALA A 288 19.32 -7.01 5.58
C ALA A 288 19.62 -6.11 6.75
N ASP A 289 18.95 -4.96 6.76
CA ASP A 289 19.10 -4.00 7.82
C ASP A 289 18.16 -4.38 8.97
N LEU A 290 18.74 -4.95 10.03
CA LEU A 290 17.97 -5.42 11.18
C LEU A 290 17.91 -4.39 12.30
N THR A 291 18.48 -3.23 12.08
CA THR A 291 18.53 -2.23 13.14
C THR A 291 18.00 -0.88 12.68
N GLY A 292 17.60 -0.81 11.41
CA GLY A 292 16.96 0.38 10.89
C GLY A 292 17.84 1.59 10.72
N ASN A 293 19.15 1.38 10.66
CA ASN A 293 20.10 2.48 10.51
C ASN A 293 20.54 2.69 9.07
N GLY A 294 20.01 1.88 8.16
CA GLY A 294 20.31 2.04 6.73
C GLY A 294 21.55 1.32 6.25
N ARG A 295 22.18 0.52 7.12
CA ARG A 295 23.35 -0.28 6.74
C ARG A 295 23.01 -1.76 6.89
N GLY A 296 23.43 -2.56 5.91
CA GLY A 296 23.12 -3.98 5.88
C GLY A 296 23.75 -4.76 7.02
N ASP A 297 23.02 -5.73 7.56
CA ASP A 297 23.58 -6.63 8.58
C ASP A 297 23.58 -8.05 8.02
N VAL A 298 24.42 -8.91 8.56
CA VAL A 298 24.47 -10.28 8.08
C VAL A 298 23.52 -11.21 8.86
N VAL A 299 22.81 -12.06 8.12
CA VAL A 299 21.90 -13.03 8.73
C VAL A 299 22.09 -14.40 8.08
N GLY A 300 22.22 -15.44 8.90
CA GLY A 300 22.33 -16.78 8.36
C GLY A 300 21.49 -17.82 9.07
N PHE A 301 20.87 -18.67 8.27
CA PHE A 301 20.13 -19.79 8.80
C PHE A 301 21.04 -21.02 8.87
N GLY A 302 21.64 -21.25 10.03
CA GLY A 302 22.61 -22.33 10.21
C GLY A 302 21.98 -23.59 10.74
N ASN A 303 22.75 -24.45 11.38
CA ASN A 303 22.18 -25.67 11.92
C ASN A 303 21.21 -25.45 13.08
N ALA A 304 21.63 -24.70 14.09
CA ALA A 304 20.84 -24.57 15.32
C ALA A 304 19.79 -23.50 15.21
N GLY A 305 20.00 -22.52 14.34
CA GLY A 305 19.05 -21.43 14.22
C GLY A 305 19.60 -20.24 13.48
N VAL A 306 19.00 -19.08 13.75
CA VAL A 306 19.36 -17.84 13.08
C VAL A 306 20.57 -17.12 13.73
N TYR A 307 21.66 -16.98 12.97
CA TYR A 307 22.83 -16.21 13.42
C TYR A 307 22.83 -14.86 12.72
N VAL A 308 23.39 -13.87 13.39
CA VAL A 308 23.35 -12.50 12.93
C VAL A 308 24.65 -11.83 13.32
N ALA A 309 25.09 -10.87 12.51
CA ALA A 309 26.18 -9.98 12.92
C ALA A 309 25.82 -8.56 12.53
N LEU A 310 25.86 -7.66 13.52
CA LEU A 310 25.37 -6.30 13.34
C LEU A 310 26.42 -5.28 12.86
N ASN A 311 26.02 -4.50 11.87
CA ASN A 311 26.86 -3.47 11.26
C ASN A 311 26.93 -2.26 12.19
N ASN A 312 28.13 -1.73 12.41
CA ASN A 312 28.28 -0.59 13.31
C ASN A 312 27.88 0.71 12.63
N GLY A 313 27.89 0.68 11.30
CA GLY A 313 27.48 1.83 10.53
C GLY A 313 28.48 2.15 9.43
N ASP A 314 29.64 1.51 9.49
CA ASP A 314 30.71 1.85 8.56
C ASP A 314 31.32 0.63 7.90
N GLY A 315 30.62 -0.49 7.95
CA GLY A 315 31.15 -1.69 7.35
C GLY A 315 32.03 -2.50 8.30
N THR A 316 32.16 -2.03 9.53
CA THR A 316 32.71 -2.88 10.59
C THR A 316 31.54 -3.44 11.35
N PHE A 317 31.77 -4.55 12.07
CA PHE A 317 30.68 -5.33 12.64
C PHE A 317 30.94 -5.79 14.08
N GLN A 318 29.85 -5.95 14.83
CA GLN A 318 29.93 -6.61 16.13
C GLN A 318 30.11 -8.10 15.86
N SER A 319 30.36 -8.87 16.92
CA SER A 319 30.54 -10.30 16.76
C SER A 319 29.25 -10.96 16.32
N ALA A 320 29.37 -12.11 15.65
CA ALA A 320 28.20 -12.93 15.34
C ALA A 320 27.64 -13.56 16.61
N LYS A 321 26.35 -13.88 16.59
CA LYS A 321 25.70 -14.57 17.71
C LYS A 321 24.42 -15.19 17.20
N LEU A 322 23.89 -16.17 17.92
CA LEU A 322 22.61 -16.79 17.58
C LEU A 322 21.45 -16.01 18.23
N VAL A 323 20.46 -15.59 17.43
CA VAL A 323 19.34 -14.80 17.94
C VAL A 323 17.99 -15.52 18.00
N LEU A 324 17.90 -16.70 17.41
CA LEU A 324 16.63 -17.41 17.40
C LEU A 324 16.80 -18.90 17.08
N LYS A 325 16.28 -19.73 17.98
CA LYS A 325 16.35 -21.18 17.86
C LYS A 325 15.25 -21.72 16.98
N ASP A 326 15.26 -21.35 15.70
CA ASP A 326 14.29 -21.86 14.75
C ASP A 326 14.75 -21.50 13.34
N PHE A 327 14.02 -21.95 12.34
CA PHE A 327 14.31 -21.62 10.96
C PHE A 327 15.66 -22.17 10.51
N GLY A 328 16.15 -23.17 11.23
CA GLY A 328 17.45 -23.76 10.94
C GLY A 328 17.34 -25.23 10.63
N VAL A 329 18.46 -25.84 10.21
CA VAL A 329 18.44 -27.25 9.86
C VAL A 329 17.82 -28.13 10.95
N GLN A 330 18.27 -27.94 12.19
CA GLN A 330 17.79 -28.77 13.28
C GLN A 330 16.26 -28.76 13.42
N GLN A 331 15.62 -27.68 13.01
CA GLN A 331 14.16 -27.62 13.09
C GLN A 331 13.46 -28.07 11.80
N GLY A 332 14.20 -28.76 10.93
CA GLY A 332 13.61 -29.37 9.74
C GLY A 332 13.66 -28.55 8.46
N TRP A 333 14.20 -27.34 8.51
CA TRP A 333 14.17 -26.47 7.34
C TRP A 333 15.15 -26.95 6.26
N THR A 334 14.64 -27.14 5.04
CA THR A 334 15.47 -27.53 3.92
C THR A 334 15.19 -26.66 2.71
N VAL A 335 16.24 -26.31 1.97
CA VAL A 335 16.10 -25.55 0.74
C VAL A 335 15.18 -26.24 -0.28
N SER A 336 15.20 -27.56 -0.28
CA SER A 336 14.42 -28.32 -1.26
C SER A 336 12.92 -28.24 -1.04
N LYS A 337 12.52 -27.84 0.16
CA LYS A 337 11.10 -27.82 0.50
C LYS A 337 10.60 -26.45 0.96
N HIS A 338 11.47 -25.69 1.60
CA HIS A 338 11.05 -24.49 2.33
C HIS A 338 11.66 -23.19 1.81
N ARG A 339 11.03 -22.07 2.16
CA ARG A 339 11.49 -20.74 1.75
C ARG A 339 11.68 -19.87 2.99
N ARG A 340 12.83 -19.21 3.07
CA ARG A 340 13.05 -18.26 4.14
C ARG A 340 13.44 -16.89 3.59
N PHE A 341 12.87 -15.84 4.18
CA PHE A 341 13.23 -14.46 3.82
C PHE A 341 13.44 -13.59 5.05
N VAL A 342 14.25 -12.55 4.89
CA VAL A 342 14.48 -11.55 5.93
C VAL A 342 14.06 -10.19 5.39
N VAL A 343 12.90 -9.71 5.83
CA VAL A 343 12.35 -8.49 5.26
C VAL A 343 11.56 -7.72 6.31
N ASP A 344 11.47 -6.40 6.17
CA ASP A 344 10.66 -5.62 7.10
C ASP A 344 9.17 -5.93 6.88
N LEU A 345 8.53 -6.50 7.91
CA LEU A 345 7.12 -6.81 7.88
C LEU A 345 6.29 -5.80 8.67
N THR A 346 6.95 -4.88 9.36
CA THR A 346 6.24 -4.05 10.36
C THR A 346 6.45 -2.52 10.25
N GLY A 347 7.13 -2.07 9.20
CA GLY A 347 7.33 -0.64 8.96
C GLY A 347 8.32 0.12 9.83
N ASP A 348 9.15 -0.60 10.59
CA ASP A 348 10.12 0.06 11.49
C ASP A 348 11.55 0.01 10.97
N GLY A 349 11.74 -0.47 9.75
CA GLY A 349 13.05 -0.49 9.14
C GLY A 349 13.96 -1.56 9.68
N CYS A 350 13.41 -2.42 10.54
CA CYS A 350 14.20 -3.50 11.13
C CYS A 350 13.70 -4.84 10.60
N ALA A 351 14.47 -5.44 9.69
CA ALA A 351 14.05 -6.64 8.98
C ALA A 351 13.54 -7.74 9.92
N ASP A 352 12.39 -8.30 9.57
CA ASP A 352 11.82 -9.43 10.32
C ASP A 352 12.07 -10.77 9.60
N ILE A 353 11.67 -11.88 10.22
CA ILE A 353 11.94 -13.19 9.64
C ILE A 353 10.66 -13.95 9.35
N ILE A 354 10.54 -14.42 8.11
CA ILE A 354 9.37 -15.16 7.64
C ILE A 354 9.84 -16.42 6.94
N GLY A 355 9.21 -17.55 7.24
CA GLY A 355 9.59 -18.82 6.68
C GLY A 355 8.38 -19.64 6.25
N PHE A 356 8.41 -20.13 5.01
CA PHE A 356 7.34 -20.98 4.50
C PHE A 356 7.71 -22.43 4.78
N GLY A 357 7.15 -22.95 5.87
CA GLY A 357 7.59 -24.21 6.41
C GLY A 357 6.79 -25.41 5.94
N GLU A 358 6.94 -26.51 6.67
CA GLU A 358 6.32 -27.78 6.29
C GLU A 358 4.79 -27.72 6.30
N LYS A 359 4.22 -27.04 7.30
CA LYS A 359 2.77 -26.96 7.45
C LYS A 359 2.26 -25.55 7.71
N GLU A 360 3.18 -24.63 8.01
CA GLU A 360 2.78 -23.26 8.30
C GLU A 360 3.77 -22.21 7.77
N THR A 361 3.23 -21.03 7.52
CA THR A 361 4.05 -19.86 7.27
C THR A 361 4.30 -19.16 8.60
N LEU A 362 5.53 -19.25 9.07
CA LEU A 362 5.87 -18.84 10.43
C LEU A 362 6.66 -17.54 10.39
N VAL A 363 6.58 -16.77 11.47
CA VAL A 363 7.19 -15.46 11.51
C VAL A 363 7.79 -15.17 12.89
N SER A 364 8.89 -14.41 12.91
CA SER A 364 9.49 -13.93 14.15
C SER A 364 9.76 -12.45 13.96
N TYR A 365 9.37 -11.65 14.93
CA TYR A 365 9.43 -10.20 14.75
C TYR A 365 10.66 -9.58 15.39
N ASN A 366 11.35 -8.74 14.61
CA ASN A 366 12.45 -7.95 15.11
C ASN A 366 11.96 -7.04 16.23
N ASP A 367 12.70 -6.98 17.33
CA ASP A 367 12.35 -6.11 18.45
C ASP A 367 12.81 -4.67 18.23
N GLY A 368 13.47 -4.41 17.11
CA GLY A 368 13.93 -3.06 16.80
C GLY A 368 15.40 -2.82 17.09
N LYS A 369 16.06 -3.80 17.69
CA LYS A 369 17.50 -3.75 17.92
C LYS A 369 18.22 -4.97 17.34
N GLY A 370 17.49 -5.78 16.58
CA GLY A 370 18.10 -6.94 15.94
C GLY A 370 17.85 -8.25 16.69
N ASN A 371 17.13 -8.18 17.80
CA ASN A 371 16.68 -9.39 18.49
C ASN A 371 15.31 -9.81 17.96
N PHE A 372 14.92 -11.04 18.24
CA PHE A 372 13.74 -11.64 17.61
C PHE A 372 12.84 -12.40 18.60
N GLY A 373 11.54 -12.12 18.54
CA GLY A 373 10.59 -12.66 19.49
C GLY A 373 10.20 -14.10 19.24
N PRO A 374 9.14 -14.56 19.93
CA PRO A 374 8.63 -15.93 19.77
C PRO A 374 8.11 -16.16 18.35
N VAL A 375 8.21 -17.41 17.87
CA VAL A 375 7.77 -17.74 16.52
C VAL A 375 6.25 -17.91 16.48
N LYS A 376 5.61 -17.17 15.57
CA LYS A 376 4.16 -17.19 15.42
C LYS A 376 3.75 -17.73 14.04
N ALA A 377 2.58 -18.35 13.99
CA ALA A 377 2.03 -18.88 12.75
C ALA A 377 1.16 -17.82 12.10
N LEU A 378 1.49 -17.43 10.87
CA LEU A 378 0.72 -16.44 10.13
C LEU A 378 -0.46 -17.06 9.39
N THR A 379 -0.28 -18.31 8.96
CA THR A 379 -1.28 -19.01 8.17
C THR A 379 -0.74 -20.37 7.78
N ASN A 380 -1.63 -21.29 7.45
CA ASN A 380 -1.20 -22.56 6.88
C ASN A 380 -0.78 -22.33 5.43
N ASP A 381 -1.29 -21.25 4.84
CA ASP A 381 -1.13 -21.04 3.41
C ASP A 381 0.30 -20.70 3.02
N PHE A 382 0.64 -21.00 1.77
CA PHE A 382 2.00 -20.84 1.25
C PHE A 382 3.01 -21.87 1.81
N SER A 383 2.62 -22.62 2.83
CA SER A 383 3.51 -23.67 3.34
C SER A 383 3.50 -24.88 2.42
N PHE A 384 4.54 -25.71 2.55
CA PHE A 384 4.71 -26.87 1.68
C PHE A 384 3.44 -27.71 1.52
N SER A 385 2.78 -27.98 2.65
CA SER A 385 1.49 -28.69 2.66
C SER A 385 1.48 -29.79 1.59
N GLY A 386 2.50 -30.64 1.65
CA GLY A 386 2.95 -31.48 0.55
C GLY A 386 2.01 -31.98 -0.51
N GLY A 387 2.18 -31.53 -1.74
CA GLY A 387 3.20 -30.54 -2.09
C GLY A 387 2.53 -29.38 -2.81
N LYS A 388 1.50 -28.84 -2.16
CA LYS A 388 0.73 -27.72 -2.67
C LYS A 388 1.64 -26.55 -3.04
N TRP A 389 2.76 -26.45 -2.31
CA TRP A 389 3.72 -25.36 -2.52
C TRP A 389 5.15 -25.85 -2.61
N ALA A 390 5.35 -26.98 -3.28
CA ALA A 390 6.68 -27.50 -3.55
C ALA A 390 7.40 -26.45 -4.39
N PRO A 391 8.68 -26.20 -4.10
CA PRO A 391 9.51 -25.27 -4.89
C PRO A 391 9.78 -25.76 -6.33
N GLU A 392 9.60 -27.05 -6.58
CA GLU A 392 9.74 -27.58 -7.94
C GLU A 392 8.66 -27.04 -8.88
N THR A 393 7.52 -26.64 -8.33
CA THR A 393 6.34 -26.33 -9.13
C THR A 393 5.65 -25.03 -8.75
N THR A 394 6.18 -24.36 -7.73
CA THR A 394 5.64 -23.09 -7.26
C THR A 394 6.77 -22.14 -6.90
N VAL A 395 6.42 -20.86 -6.81
CA VAL A 395 7.38 -19.82 -6.54
C VAL A 395 6.77 -18.89 -5.51
N CYS A 396 7.50 -18.62 -4.45
CA CYS A 396 7.07 -17.60 -3.51
C CYS A 396 8.13 -16.51 -3.43
N TRP A 397 7.68 -15.26 -3.49
CA TRP A 397 8.53 -14.10 -3.30
C TRP A 397 7.91 -13.20 -2.24
N MET A 398 8.73 -12.38 -1.60
CA MET A 398 8.23 -11.24 -0.86
C MET A 398 8.32 -10.01 -1.77
N ALA A 399 7.44 -9.03 -1.57
CA ALA A 399 7.43 -7.82 -2.41
C ALA A 399 6.54 -6.76 -1.80
N ASN A 400 6.82 -5.50 -2.13
CA ASN A 400 5.93 -4.41 -1.77
C ASN A 400 4.98 -4.10 -2.93
N LEU A 401 3.75 -4.55 -2.85
CA LEU A 401 2.78 -4.30 -3.92
C LEU A 401 2.51 -2.80 -4.07
N ASP A 402 2.52 -2.09 -2.95
CA ASP A 402 2.20 -0.65 -2.93
C ASP A 402 3.41 0.23 -2.72
N SER A 403 3.84 0.92 -3.78
CA SER A 403 4.95 1.87 -3.67
C SER A 403 4.53 3.27 -4.09
N THR B 1 -18.68 1.91 -8.73
CA THR B 1 -18.27 2.62 -7.51
C THR B 1 -17.90 4.08 -7.79
N SER B 2 -18.08 4.93 -6.79
CA SER B 2 -17.75 6.35 -6.89
C SER B 2 -16.89 6.77 -5.69
N ASN B 3 -15.99 7.74 -5.90
CA ASN B 3 -15.23 8.30 -4.78
C ASN B 3 -16.00 9.47 -4.17
N VAL B 4 -16.42 9.32 -2.93
CA VAL B 4 -17.41 10.23 -2.35
C VAL B 4 -16.92 10.87 -1.04
N ILE B 5 -17.17 12.17 -0.90
CA ILE B 5 -16.81 12.92 0.30
C ILE B 5 -18.03 13.57 0.94
N THR B 6 -18.34 13.19 2.18
CA THR B 6 -19.46 13.77 2.91
C THR B 6 -19.01 14.53 4.16
N GLN B 7 -19.98 15.09 4.88
CA GLN B 7 -19.67 15.83 6.11
C GLN B 7 -19.23 14.87 7.21
N ASP B 8 -19.91 13.73 7.32
CA ASP B 8 -19.61 12.74 8.36
C ASP B 8 -18.42 11.87 8.00
N LEU B 9 -18.18 11.72 6.70
CA LEU B 9 -17.04 10.95 6.21
C LEU B 9 -16.32 11.73 5.13
N PRO B 10 -15.51 12.72 5.54
CA PRO B 10 -14.79 13.59 4.61
C PRO B 10 -13.54 12.94 4.03
N ILE B 11 -13.06 11.83 4.61
CA ILE B 11 -11.96 11.08 4.00
C ILE B 11 -12.49 9.87 3.23
N PRO B 12 -12.38 9.90 1.89
CA PRO B 12 -12.78 8.74 1.06
C PRO B 12 -11.94 7.51 1.40
N VAL B 13 -12.57 6.35 1.52
CA VAL B 13 -11.87 5.10 1.78
C VAL B 13 -12.21 4.16 0.63
N ALA B 14 -11.22 3.44 0.13
CA ALA B 14 -11.40 2.58 -1.03
C ALA B 14 -12.41 1.46 -0.75
N SER B 15 -13.33 1.23 -1.69
CA SER B 15 -14.28 0.12 -1.53
C SER B 15 -13.56 -1.22 -1.54
N ARG B 16 -12.42 -1.30 -2.24
CA ARG B 16 -11.60 -2.51 -2.20
C ARG B 16 -10.17 -2.17 -1.80
N GLY B 17 -9.78 -2.58 -0.60
CA GLY B 17 -8.46 -2.22 -0.07
C GLY B 17 -8.30 -2.52 1.40
N PHE B 18 -7.23 -1.99 2.00
CA PHE B 18 -6.89 -2.29 3.38
C PHE B 18 -6.83 -1.02 4.24
N ALA B 19 -7.98 -0.55 4.70
CA ALA B 19 -8.04 0.72 5.44
C ALA B 19 -7.13 0.75 6.66
N ASP B 20 -6.43 1.87 6.85
CA ASP B 20 -5.52 2.06 7.99
C ASP B 20 -6.21 2.90 9.07
N ILE B 21 -5.73 2.79 10.31
CA ILE B 21 -6.26 3.59 11.41
C ILE B 21 -5.43 4.85 11.61
N VAL B 22 -6.09 6.00 11.62
CA VAL B 22 -5.41 7.23 11.94
C VAL B 22 -6.10 7.87 13.12
N GLY B 23 -5.34 8.07 14.20
CA GLY B 23 -5.89 8.65 15.41
C GLY B 23 -5.21 9.93 15.81
N PHE B 24 -5.97 11.02 15.81
CA PHE B 24 -5.49 12.28 16.38
C PHE B 24 -5.77 12.29 17.88
N GLY B 25 -4.86 11.67 18.64
CA GLY B 25 -5.01 11.55 20.08
C GLY B 25 -4.48 12.75 20.85
N LEU B 26 -4.50 12.66 22.17
CA LEU B 26 -4.13 13.81 23.02
C LEU B 26 -2.70 14.28 22.85
N ASP B 27 -1.79 13.38 22.53
CA ASP B 27 -0.37 13.72 22.51
C ASP B 27 0.27 13.73 21.11
N GLY B 28 -0.54 13.52 20.08
CA GLY B 28 -0.05 13.50 18.72
C GLY B 28 -0.79 12.52 17.82
N VAL B 29 -0.39 12.47 16.56
CA VAL B 29 -1.02 11.57 15.59
C VAL B 29 -0.52 10.15 15.75
N VAL B 30 -1.42 9.20 15.90
CA VAL B 30 -1.03 7.81 16.12
C VAL B 30 -1.53 6.95 14.96
N ILE B 31 -0.61 6.26 14.31
CA ILE B 31 -0.94 5.46 13.13
C ILE B 31 -1.04 3.98 13.46
N GLY B 32 -2.12 3.34 13.01
CA GLY B 32 -2.23 1.89 13.04
C GLY B 32 -2.32 1.36 11.62
N ARG B 33 -1.16 1.18 10.99
CA ARG B 33 -1.08 0.60 9.65
C ARG B 33 -1.76 -0.77 9.65
N ASN B 34 -2.68 -0.99 8.72
CA ASN B 34 -3.24 -2.33 8.52
C ASN B 34 -2.12 -3.29 8.15
N ALA B 35 -1.77 -4.21 9.06
CA ALA B 35 -0.57 -5.03 8.91
C ALA B 35 -0.65 -6.29 9.77
N VAL B 36 0.21 -7.27 9.47
CA VAL B 36 0.14 -8.58 10.12
C VAL B 36 0.34 -8.51 11.63
N ASN B 37 1.11 -7.53 12.06
CA ASN B 37 1.29 -7.29 13.48
C ASN B 37 0.98 -5.82 13.77
N LEU B 38 -0.27 -5.54 14.12
CA LEU B 38 -0.74 -4.18 14.38
C LEU B 38 0.05 -3.54 15.52
N GLN B 39 0.68 -2.41 15.25
CA GLN B 39 1.42 -1.72 16.30
C GLN B 39 1.24 -0.23 16.10
N PRO B 40 0.31 0.37 16.86
CA PRO B 40 0.16 1.83 16.82
C PRO B 40 1.48 2.50 17.22
N PHE B 41 1.87 3.54 16.48
CA PHE B 41 2.98 4.37 16.91
C PHE B 41 2.63 5.85 16.81
N LEU B 42 3.14 6.62 17.77
CA LEU B 42 3.03 8.07 17.73
C LEU B 42 3.92 8.58 16.59
N ALA B 43 3.32 9.02 15.49
CA ALA B 43 4.06 9.42 14.29
C ALA B 43 4.49 10.88 14.28
N VAL B 44 3.63 11.75 14.79
CA VAL B 44 3.87 13.18 14.79
C VAL B 44 3.43 13.72 16.14
N LYS B 45 4.29 14.49 16.79
CA LYS B 45 3.92 15.11 18.06
C LYS B 45 3.34 16.50 17.81
N ASN B 46 2.13 16.52 17.24
CA ASN B 46 1.43 17.74 16.88
C ASN B 46 -0.01 17.40 16.54
N PHE B 47 -0.76 18.38 16.04
CA PHE B 47 -2.14 18.15 15.64
C PHE B 47 -3.02 17.65 16.79
N ALA B 48 -2.59 17.87 18.04
CA ALA B 48 -3.26 17.26 19.19
C ALA B 48 -3.72 18.22 20.29
N GLN B 49 -4.65 17.71 21.10
CA GLN B 49 -5.18 18.44 22.25
C GLN B 49 -4.04 19.00 23.10
N ASN B 50 -3.04 18.17 23.37
CA ASN B 50 -1.97 18.55 24.27
C ASN B 50 -0.62 18.71 23.55
N ALA B 51 -0.66 18.82 22.23
CA ALA B 51 0.53 19.13 21.44
C ALA B 51 0.16 19.93 20.19
N GLY B 52 0.31 21.24 20.26
CA GLY B 52 -0.06 22.12 19.17
C GLY B 52 -1.32 22.93 19.44
N GLY B 53 -2.07 22.54 20.47
CA GLY B 53 -3.27 23.27 20.85
C GLY B 53 -4.46 23.08 19.92
N TRP B 54 -4.55 21.88 19.33
CA TRP B 54 -5.63 21.57 18.39
C TRP B 54 -6.93 21.17 19.11
N LEU B 55 -8.03 21.79 18.69
CA LEU B 55 -9.33 21.59 19.30
C LEU B 55 -10.36 21.15 18.26
N THR B 56 -11.18 20.16 18.59
CA THR B 56 -12.30 19.76 17.71
C THR B 56 -13.31 20.88 17.47
N THR B 57 -13.38 21.83 18.40
CA THR B 57 -14.28 22.97 18.28
C THR B 57 -13.76 24.07 17.34
N LYS B 58 -12.47 24.07 17.02
CA LYS B 58 -11.93 25.12 16.15
C LYS B 58 -11.21 24.65 14.91
N HIS B 59 -10.83 23.39 14.91
CA HIS B 59 -9.91 22.88 13.91
C HIS B 59 -10.41 21.65 13.18
N VAL B 60 -9.87 21.42 11.98
CA VAL B 60 -10.23 20.26 11.17
C VAL B 60 -8.98 19.44 10.87
N ARG B 61 -9.04 18.14 11.14
CA ARG B 61 -7.90 17.26 10.97
C ARG B 61 -8.21 16.07 10.07
N LEU B 62 -7.37 15.89 9.04
CA LEU B 62 -7.67 14.97 7.97
C LEU B 62 -6.45 14.19 7.45
N ILE B 63 -6.70 13.30 6.49
CA ILE B 63 -5.63 12.65 5.73
C ILE B 63 -5.91 12.79 4.24
N ALA B 64 -4.87 13.06 3.46
CA ALA B 64 -4.99 13.15 2.01
C ALA B 64 -3.61 13.21 1.37
N ASP B 65 -3.52 12.86 0.09
CA ASP B 65 -2.22 12.91 -0.59
C ASP B 65 -1.95 14.32 -1.13
N THR B 66 -1.04 15.05 -0.50
CA THR B 66 -0.76 16.42 -0.90
C THR B 66 0.45 16.57 -1.83
N THR B 67 1.16 15.48 -2.08
CA THR B 67 2.37 15.54 -2.90
C THR B 67 2.27 14.74 -4.21
N GLY B 68 1.38 13.75 -4.25
CA GLY B 68 1.11 13.02 -5.48
C GLY B 68 1.78 11.67 -5.57
N THR B 69 2.52 11.32 -4.53
CA THR B 69 3.25 10.05 -4.47
C THR B 69 2.32 8.86 -4.22
N GLY B 70 1.06 9.14 -3.94
CA GLY B 70 0.12 8.08 -3.64
C GLY B 70 0.15 7.68 -2.16
N LYS B 71 0.87 8.44 -1.36
CA LYS B 71 0.93 8.21 0.07
C LYS B 71 0.14 9.31 0.78
N GLY B 72 -0.70 8.94 1.74
CA GLY B 72 -1.51 9.91 2.47
C GLY B 72 -0.69 10.73 3.46
N ASP B 73 -0.90 12.04 3.48
CA ASP B 73 -0.26 12.93 4.46
C ASP B 73 -1.22 13.38 5.58
N ILE B 74 -0.65 13.80 6.70
CA ILE B 74 -1.43 14.41 7.77
C ILE B 74 -1.71 15.86 7.39
N VAL B 75 -2.98 16.26 7.45
CA VAL B 75 -3.35 17.64 7.15
C VAL B 75 -4.28 18.24 8.19
N GLY B 76 -3.94 19.42 8.66
CA GLY B 76 -4.77 20.07 9.67
C GLY B 76 -4.96 21.53 9.35
N PHE B 77 -6.21 21.98 9.53
CA PHE B 77 -6.53 23.39 9.41
C PHE B 77 -6.50 24.01 10.81
N GLY B 78 -5.42 24.70 11.12
CA GLY B 78 -5.25 25.26 12.45
C GLY B 78 -5.71 26.69 12.47
N ASN B 79 -5.00 27.51 13.25
CA ASN B 79 -5.35 28.90 13.45
C ASN B 79 -4.84 29.78 12.34
N ALA B 80 -3.54 29.68 12.06
CA ALA B 80 -2.87 30.55 11.10
C ALA B 80 -2.93 30.02 9.67
N GLY B 81 -3.42 28.80 9.51
CA GLY B 81 -3.53 28.18 8.20
C GLY B 81 -3.52 26.66 8.24
N VAL B 82 -3.23 26.08 7.08
CA VAL B 82 -3.16 24.62 6.90
C VAL B 82 -1.74 24.10 7.16
N TYR B 83 -1.65 23.01 7.92
CA TYR B 83 -0.37 22.39 8.29
C TYR B 83 -0.30 20.97 7.75
N VAL B 84 0.79 20.65 7.06
CA VAL B 84 0.97 19.32 6.47
C VAL B 84 2.21 18.59 7.01
N SER B 85 1.98 17.40 7.57
CA SER B 85 3.07 16.46 7.87
C SER B 85 3.14 15.40 6.77
N VAL B 86 4.16 15.49 5.91
CA VAL B 86 4.27 14.61 4.75
C VAL B 86 4.68 13.17 5.07
N ASN B 87 3.97 12.22 4.46
CA ASN B 87 4.31 10.81 4.52
C ASN B 87 5.42 10.53 3.51
N ASN B 88 6.60 10.16 3.99
CA ASN B 88 7.75 9.96 3.10
C ASN B 88 7.74 8.61 2.36
N GLY B 89 6.66 7.86 2.51
CA GLY B 89 6.52 6.60 1.82
C GLY B 89 7.36 5.50 2.43
N LYS B 90 8.09 5.81 3.49
CA LYS B 90 8.85 4.79 4.21
C LYS B 90 8.35 4.70 5.64
N ASN B 91 7.06 4.96 5.81
CA ASN B 91 6.41 4.91 7.13
C ASN B 91 6.90 5.95 8.14
N THR B 92 7.48 7.05 7.67
CA THR B 92 7.75 8.15 8.58
C THR B 92 7.10 9.46 8.11
N PHE B 93 6.50 10.18 9.06
CA PHE B 93 5.85 11.45 8.74
C PHE B 93 6.67 12.64 9.25
N ALA B 94 6.78 13.68 8.44
CA ALA B 94 7.54 14.87 8.83
C ALA B 94 7.05 15.44 10.15
N ASP B 95 8.00 15.78 11.02
CA ASP B 95 7.71 16.34 12.34
C ASP B 95 8.85 17.26 12.72
N PRO B 96 8.57 18.57 12.80
CA PRO B 96 7.25 19.21 12.74
C PRO B 96 6.69 19.37 11.33
N PRO B 97 5.38 19.61 11.24
CA PRO B 97 4.67 19.86 9.98
C PRO B 97 5.07 21.19 9.37
N LYS B 98 4.67 21.43 8.13
CA LYS B 98 4.87 22.71 7.47
C LYS B 98 3.55 23.43 7.21
N MET B 99 3.50 24.72 7.50
CA MET B 99 2.32 25.52 7.20
C MET B 99 2.31 25.89 5.71
N VAL B 100 1.36 25.34 4.97
CA VAL B 100 1.43 25.36 3.51
C VAL B 100 0.64 26.50 2.85
N ILE B 101 -0.28 27.09 3.58
CA ILE B 101 -1.05 28.22 3.06
C ILE B 101 -1.62 29.00 4.24
N ALA B 102 -1.57 30.32 4.18
CA ALA B 102 -2.14 31.14 5.25
C ALA B 102 -3.62 31.47 4.97
N ASN B 103 -4.44 30.42 4.86
CA ASN B 103 -5.89 30.59 4.67
C ASN B 103 -6.60 29.33 5.17
N PHE B 104 -7.94 29.35 5.18
CA PHE B 104 -8.74 28.20 5.64
C PHE B 104 -8.51 27.89 7.13
N GLY B 105 -8.07 28.91 7.88
CA GLY B 105 -7.80 28.76 9.30
C GLY B 105 -8.73 29.56 10.17
N TYR B 106 -8.73 29.24 11.45
CA TYR B 106 -9.60 29.94 12.39
C TYR B 106 -9.23 31.42 12.52
N ASP B 107 -7.93 31.71 12.49
CA ASP B 107 -7.49 33.09 12.50
C ASP B 107 -7.22 33.64 11.09
N ALA B 108 -6.84 32.76 10.16
CA ALA B 108 -6.62 33.19 8.76
C ALA B 108 -7.84 32.90 7.87
N GLY B 109 -8.70 33.91 7.70
CA GLY B 109 -9.91 33.76 6.91
C GLY B 109 -11.17 33.54 7.73
N GLY B 110 -11.00 33.45 9.05
CA GLY B 110 -12.12 33.37 9.97
C GLY B 110 -12.99 32.15 9.79
N TRP B 111 -12.38 31.02 9.43
CA TRP B 111 -13.16 29.80 9.23
C TRP B 111 -13.67 29.28 10.55
N ARG B 112 -14.90 28.79 10.54
CA ARG B 112 -15.53 28.29 11.75
C ARG B 112 -16.15 26.91 11.52
N VAL B 113 -15.99 26.03 12.51
CA VAL B 113 -16.53 24.68 12.41
C VAL B 113 -18.07 24.69 12.43
N GLU B 114 -18.63 25.76 12.98
CA GLU B 114 -20.07 25.87 13.13
C GLU B 114 -20.78 26.49 11.94
N LYS B 115 -20.02 26.96 10.95
CA LYS B 115 -20.59 27.66 9.80
C LYS B 115 -20.08 27.13 8.45
N HIS B 116 -18.87 26.58 8.44
CA HIS B 116 -18.16 26.28 7.18
C HIS B 116 -17.68 24.84 7.11
N LEU B 117 -17.41 24.38 5.89
CA LEU B 117 -16.93 23.03 5.63
C LEU B 117 -15.60 23.11 4.89
N ARG B 118 -14.67 22.23 5.25
CA ARG B 118 -13.37 22.20 4.62
C ARG B 118 -13.03 20.78 4.20
N TYR B 119 -12.67 20.62 2.94
CA TYR B 119 -12.45 19.30 2.37
C TYR B 119 -11.13 19.30 1.66
N LEU B 120 -10.54 18.11 1.53
CA LEU B 120 -9.39 17.92 0.65
C LEU B 120 -9.80 16.91 -0.40
N ALA B 121 -9.63 17.26 -1.66
CA ALA B 121 -9.94 16.33 -2.75
C ALA B 121 -9.23 16.72 -4.04
N ASP B 122 -8.88 15.71 -4.83
CA ASP B 122 -8.24 15.89 -6.12
C ASP B 122 -9.27 16.23 -7.19
N ILE B 123 -9.76 17.47 -7.18
CA ILE B 123 -10.85 17.86 -8.07
C ILE B 123 -10.39 18.21 -9.50
N ARG B 124 -9.09 18.15 -9.77
CA ARG B 124 -8.60 18.38 -11.12
C ARG B 124 -8.02 17.09 -11.71
N LYS B 125 -8.17 16.00 -10.97
CA LYS B 125 -7.71 14.70 -11.42
C LYS B 125 -6.26 14.80 -11.84
N THR B 126 -5.44 15.37 -10.97
CA THR B 126 -4.00 15.49 -11.19
C THR B 126 -3.15 14.69 -10.21
N GLY B 127 -3.80 13.93 -9.33
CA GLY B 127 -3.09 13.07 -8.41
C GLY B 127 -2.77 13.69 -7.06
N ARG B 128 -3.08 14.96 -6.90
CA ARG B 128 -2.87 15.63 -5.63
C ARG B 128 -4.20 16.21 -5.22
N ALA B 129 -4.40 16.33 -3.92
CA ALA B 129 -5.61 16.97 -3.42
C ALA B 129 -5.48 18.50 -3.37
N ASP B 130 -6.47 19.18 -3.94
CA ASP B 130 -6.65 20.62 -3.75
C ASP B 130 -7.41 20.85 -2.45
N ILE B 131 -7.47 22.10 -2.01
CA ILE B 131 -8.24 22.43 -0.83
C ILE B 131 -9.54 23.08 -1.27
N ILE B 132 -10.65 22.52 -0.84
CA ILE B 132 -11.93 23.14 -1.13
C ILE B 132 -12.72 23.37 0.14
N GLY B 133 -13.18 24.61 0.32
CA GLY B 133 -13.93 24.98 1.49
C GLY B 133 -15.21 25.71 1.15
N PHE B 134 -16.31 25.27 1.76
CA PHE B 134 -17.57 25.99 1.65
C PHE B 134 -17.55 27.05 2.75
N GLY B 135 -17.13 28.25 2.37
CA GLY B 135 -16.96 29.35 3.30
C GLY B 135 -18.11 30.35 3.36
N GLU B 136 -17.77 31.61 3.55
CA GLU B 136 -18.78 32.65 3.80
C GLU B 136 -19.49 33.07 2.51
N LYS B 137 -18.73 33.50 1.52
CA LYS B 137 -19.31 33.95 0.25
C LYS B 137 -19.45 32.83 -0.78
N GLY B 138 -19.21 31.58 -0.38
CA GLY B 138 -19.38 30.45 -1.27
C GLY B 138 -18.21 29.48 -1.26
N VAL B 139 -17.97 28.82 -2.38
CA VAL B 139 -16.91 27.80 -2.46
C VAL B 139 -15.53 28.43 -2.76
N LEU B 140 -14.56 28.22 -1.87
CA LEU B 140 -13.20 28.71 -2.12
C LEU B 140 -12.31 27.52 -2.39
N VAL B 141 -11.55 27.60 -3.47
CA VAL B 141 -10.64 26.53 -3.81
C VAL B 141 -9.21 27.04 -3.78
N SER B 142 -8.31 26.27 -3.21
CA SER B 142 -6.88 26.52 -3.39
C SER B 142 -6.22 25.36 -4.12
N ARG B 143 -5.66 25.65 -5.29
CA ARG B 143 -5.09 24.62 -6.14
C ARG B 143 -3.76 24.12 -5.59
N ASN B 144 -3.62 22.80 -5.54
CA ASN B 144 -2.36 22.17 -5.13
C ASN B 144 -1.41 22.14 -6.33
N ASN B 145 -0.41 23.01 -6.32
CA ASN B 145 0.49 23.17 -7.45
C ASN B 145 1.82 22.43 -7.30
N GLY B 146 1.83 21.37 -6.50
CA GLY B 146 3.01 20.53 -6.34
C GLY B 146 3.97 21.03 -5.28
N GLY B 147 4.72 20.09 -4.69
CA GLY B 147 5.71 20.42 -3.68
C GLY B 147 5.22 21.31 -2.55
N LEU B 148 3.95 21.16 -2.19
CA LEU B 148 3.34 21.93 -1.09
C LEU B 148 3.18 23.41 -1.39
N ASN B 149 3.20 23.79 -2.65
CA ASN B 149 2.83 25.14 -3.04
C ASN B 149 1.33 25.18 -3.30
N PHE B 150 0.59 25.85 -2.43
CA PHE B 150 -0.84 25.99 -2.66
C PHE B 150 -1.16 27.37 -3.19
N GLY B 151 -1.81 27.41 -4.35
CA GLY B 151 -2.21 28.66 -4.96
C GLY B 151 -3.17 29.47 -4.09
N PRO B 152 -3.51 30.69 -4.52
CA PRO B 152 -4.38 31.55 -3.71
C PRO B 152 -5.70 30.85 -3.43
N ALA B 153 -6.24 31.06 -2.24
CA ALA B 153 -7.60 30.64 -1.92
C ALA B 153 -8.54 31.55 -2.70
N THR B 154 -9.40 30.94 -3.51
CA THR B 154 -10.14 31.69 -4.51
C THR B 154 -11.63 31.37 -4.53
N LEU B 155 -12.46 32.41 -4.56
CA LEU B 155 -13.92 32.24 -4.61
C LEU B 155 -14.33 31.80 -6.01
N VAL B 156 -14.60 30.50 -6.20
CA VAL B 156 -14.88 30.00 -7.55
C VAL B 156 -16.38 29.86 -7.89
N LEU B 157 -17.24 30.01 -6.88
CA LEU B 157 -18.67 29.89 -7.07
C LEU B 157 -19.39 30.60 -5.92
N LYS B 158 -20.31 31.49 -6.26
CA LYS B 158 -21.01 32.30 -5.26
C LYS B 158 -22.30 31.62 -4.82
N ASP B 159 -22.16 30.41 -4.30
CA ASP B 159 -23.28 29.64 -3.82
C ASP B 159 -22.77 28.59 -2.84
N PHE B 160 -23.69 27.94 -2.14
CA PHE B 160 -23.35 26.98 -1.10
C PHE B 160 -22.51 27.57 0.03
N GLY B 161 -22.68 28.87 0.26
CA GLY B 161 -21.99 29.52 1.36
C GLY B 161 -22.94 29.79 2.50
N TYR B 162 -22.39 29.91 3.71
CA TYR B 162 -23.15 30.39 4.84
C TYR B 162 -23.85 31.70 4.45
N ASP B 163 -23.11 32.56 3.76
CA ASP B 163 -23.70 33.80 3.29
C ASP B 163 -23.89 33.81 1.76
N ALA B 164 -24.09 32.63 1.18
CA ALA B 164 -24.36 32.52 -0.25
C ALA B 164 -24.90 31.16 -0.69
N GLY B 165 -26.19 30.91 -0.57
CA GLY B 165 -27.12 31.80 0.10
C GLY B 165 -27.90 31.02 1.15
N GLY B 166 -27.57 31.25 2.41
CA GLY B 166 -28.32 30.71 3.52
C GLY B 166 -27.99 29.31 3.95
N TRP B 167 -26.87 28.77 3.48
CA TRP B 167 -26.54 27.38 3.81
C TRP B 167 -26.18 27.25 5.30
N ARG B 168 -26.82 26.28 5.95
CA ARG B 168 -26.68 26.07 7.39
C ARG B 168 -26.40 24.61 7.73
N LEU B 169 -25.54 24.37 8.71
CA LEU B 169 -25.19 23.01 9.08
C LEU B 169 -26.33 22.29 9.82
N ASP B 170 -27.31 23.06 10.28
CA ASP B 170 -28.44 22.47 10.98
C ASP B 170 -29.68 22.26 10.08
N ARG B 171 -29.54 22.53 8.79
CA ARG B 171 -30.65 22.39 7.84
C ARG B 171 -30.26 21.67 6.55
N HIS B 172 -29.06 21.94 6.06
CA HIS B 172 -28.63 21.48 4.75
C HIS B 172 -27.41 20.58 4.81
N LEU B 173 -27.16 19.88 3.69
CA LEU B 173 -25.96 19.06 3.51
C LEU B 173 -25.22 19.47 2.25
N ARG B 174 -23.89 19.33 2.32
CA ARG B 174 -23.00 19.63 1.20
C ARG B 174 -21.89 18.59 1.06
N PHE B 175 -21.94 17.85 -0.04
CA PHE B 175 -21.04 16.75 -0.32
C PHE B 175 -20.31 16.93 -1.66
N LEU B 176 -19.22 16.19 -1.84
CA LEU B 176 -18.58 16.09 -3.14
C LEU B 176 -18.78 14.67 -3.67
N ALA B 177 -19.12 14.55 -4.94
CA ALA B 177 -19.34 13.24 -5.57
C ALA B 177 -19.38 13.36 -7.09
N ASP B 178 -18.81 12.38 -7.78
CA ASP B 178 -18.87 12.37 -9.23
C ASP B 178 -20.25 11.95 -9.69
N VAL B 179 -21.10 12.92 -10.04
CA VAL B 179 -22.44 12.60 -10.51
C VAL B 179 -22.54 12.49 -12.04
N THR B 180 -21.42 12.66 -12.73
CA THR B 180 -21.43 12.63 -14.20
C THR B 180 -20.62 11.47 -14.75
N GLY B 181 -19.72 10.92 -13.94
CA GLY B 181 -18.93 9.78 -14.34
C GLY B 181 -17.60 10.09 -15.01
N ASN B 182 -17.25 11.38 -15.09
CA ASN B 182 -15.98 11.77 -15.71
C ASN B 182 -14.77 11.65 -14.78
N GLY B 183 -14.98 11.08 -13.61
CA GLY B 183 -13.91 10.96 -12.63
C GLY B 183 -13.67 12.22 -11.82
N HIS B 184 -14.48 13.26 -12.07
CA HIS B 184 -14.33 14.53 -11.35
C HIS B 184 -15.44 14.71 -10.31
N LEU B 185 -15.06 15.10 -9.10
CA LEU B 185 -16.04 15.30 -8.04
C LEU B 185 -16.89 16.55 -8.27
N ASP B 186 -18.21 16.37 -8.33
CA ASP B 186 -19.12 17.50 -8.43
C ASP B 186 -19.66 17.84 -7.06
N ILE B 187 -20.30 19.01 -6.97
CA ILE B 187 -20.94 19.43 -5.73
C ILE B 187 -22.39 19.00 -5.65
N VAL B 188 -22.73 18.32 -4.56
CA VAL B 188 -24.10 17.96 -4.26
C VAL B 188 -24.54 18.70 -2.99
N GLY B 189 -25.53 19.59 -3.14
CA GLY B 189 -26.08 20.30 -1.99
C GLY B 189 -27.57 19.99 -1.76
N PHE B 190 -27.90 19.53 -0.55
CA PHE B 190 -29.28 19.42 -0.13
C PHE B 190 -29.70 20.73 0.50
N GLY B 191 -30.54 21.49 -0.20
CA GLY B 191 -30.90 22.81 0.27
C GLY B 191 -32.21 22.82 1.03
N ASP B 192 -32.96 23.89 0.87
CA ASP B 192 -34.26 24.00 1.52
C ASP B 192 -35.30 23.18 0.77
N LYS B 193 -35.32 23.32 -0.54
CA LYS B 193 -36.39 22.71 -1.34
C LYS B 193 -35.90 21.85 -2.49
N HIS B 194 -34.59 21.78 -2.68
CA HIS B 194 -34.02 21.05 -3.82
C HIS B 194 -32.65 20.50 -3.52
N VAL B 195 -32.38 19.29 -3.98
CA VAL B 195 -31.02 18.84 -4.12
C VAL B 195 -30.45 19.50 -5.37
N PHE B 196 -29.35 20.23 -5.20
CA PHE B 196 -28.71 20.95 -6.30
C PHE B 196 -27.43 20.25 -6.71
N ILE B 197 -27.14 20.23 -8.00
CA ILE B 197 -25.83 19.83 -8.47
C ILE B 197 -25.09 21.04 -9.03
N SER B 198 -23.83 21.19 -8.63
CA SER B 198 -22.92 22.10 -9.30
C SER B 198 -21.80 21.29 -9.92
N ARG B 199 -21.82 21.23 -11.24
CA ARG B 199 -20.92 20.39 -12.00
C ARG B 199 -19.47 20.88 -11.93
N ASN B 200 -18.53 19.93 -12.01
CA ASN B 200 -17.11 20.25 -11.95
C ASN B 200 -16.57 20.63 -13.32
N ASN B 201 -16.06 21.85 -13.45
CA ASN B 201 -15.57 22.35 -14.73
C ASN B 201 -14.18 21.84 -15.09
N GLY B 202 -13.57 21.06 -14.20
CA GLY B 202 -12.29 20.43 -14.48
C GLY B 202 -11.08 21.27 -14.14
N ASP B 203 -11.27 22.58 -13.94
CA ASP B 203 -10.14 23.48 -13.73
C ASP B 203 -10.11 24.15 -12.35
N GLY B 204 -10.72 23.51 -11.36
CA GLY B 204 -10.79 24.09 -10.03
C GLY B 204 -11.99 25.02 -9.82
N THR B 205 -12.86 25.09 -10.84
CA THR B 205 -14.11 25.84 -10.74
C THR B 205 -15.32 24.93 -10.95
N PHE B 206 -16.46 25.31 -10.39
CA PHE B 206 -17.71 24.61 -10.57
C PHE B 206 -18.74 25.53 -11.21
N ALA B 207 -19.60 24.96 -12.03
CA ALA B 207 -20.65 25.72 -12.70
C ALA B 207 -21.77 26.02 -11.70
N PRO B 208 -22.60 27.03 -11.99
CA PRO B 208 -23.72 27.43 -11.14
C PRO B 208 -24.64 26.25 -10.80
N ALA B 209 -25.25 26.30 -9.62
CA ALA B 209 -26.10 25.21 -9.14
C ALA B 209 -27.37 25.02 -9.98
N LYS B 210 -27.71 23.77 -10.25
CA LYS B 210 -28.95 23.40 -10.94
C LYS B 210 -29.72 22.40 -10.11
N SER B 211 -31.00 22.69 -9.92
CA SER B 211 -31.89 21.83 -9.15
C SER B 211 -32.19 20.50 -9.85
N VAL B 212 -32.08 19.40 -9.13
CA VAL B 212 -32.32 18.08 -9.73
C VAL B 212 -33.34 17.21 -8.97
N ILE B 213 -33.54 17.46 -7.68
CA ILE B 213 -34.55 16.69 -6.95
C ILE B 213 -35.41 17.55 -5.98
N ASP B 214 -36.72 17.32 -6.00
CA ASP B 214 -37.61 18.08 -5.13
C ASP B 214 -37.99 17.20 -3.93
N ASN B 215 -36.98 16.61 -3.30
CA ASN B 215 -37.16 15.77 -2.12
C ASN B 215 -35.86 15.70 -1.34
N PHE B 216 -35.82 14.90 -0.28
CA PHE B 216 -34.60 14.79 0.52
C PHE B 216 -34.19 16.07 1.26
N CYS B 217 -35.06 17.08 1.33
CA CYS B 217 -34.70 18.34 1.99
C CYS B 217 -35.60 18.73 3.17
N ILE B 218 -35.05 19.59 4.02
CA ILE B 218 -35.76 20.14 5.17
C ILE B 218 -37.16 20.64 4.82
N ASP B 219 -37.30 21.36 3.72
CA ASP B 219 -38.62 21.80 3.25
C ASP B 219 -39.12 21.08 2.00
N ALA B 220 -38.59 19.88 1.75
CA ALA B 220 -39.05 19.08 0.61
C ALA B 220 -39.01 17.60 0.97
N GLY B 221 -40.00 17.17 1.76
CA GLY B 221 -40.04 15.82 2.29
C GLY B 221 -39.93 15.80 3.81
N GLY B 222 -39.61 16.95 4.40
CA GLY B 222 -39.44 17.06 5.83
C GLY B 222 -38.20 16.39 6.39
N TRP B 223 -37.13 16.34 5.60
CA TRP B 223 -35.86 15.71 6.00
C TRP B 223 -35.00 16.56 6.96
N LYS B 224 -34.86 16.12 8.21
CA LYS B 224 -34.12 16.88 9.21
C LYS B 224 -32.70 16.34 9.35
N ILE B 225 -31.75 17.24 9.58
CA ILE B 225 -30.34 16.90 9.71
C ILE B 225 -30.05 15.56 10.39
N GLY B 226 -30.26 15.43 11.69
CA GLY B 226 -29.85 14.21 12.36
C GLY B 226 -30.75 13.01 12.12
N ASP B 227 -32.06 13.27 12.16
CA ASP B 227 -33.08 12.23 12.17
C ASP B 227 -33.19 11.43 10.89
N HIS B 228 -32.79 12.05 9.77
CA HIS B 228 -32.98 11.44 8.46
C HIS B 228 -31.72 11.56 7.61
N PRO B 229 -30.68 10.77 7.94
CA PRO B 229 -29.39 10.91 7.26
C PRO B 229 -29.49 10.64 5.76
N ARG B 230 -28.67 11.34 4.98
CA ARG B 230 -28.69 11.20 3.53
C ARG B 230 -27.28 10.98 3.00
N PHE B 231 -27.21 10.29 1.87
CA PHE B 231 -25.97 9.75 1.37
C PHE B 231 -25.88 9.92 -0.13
N VAL B 232 -24.64 9.93 -0.62
CA VAL B 232 -24.38 9.83 -2.04
C VAL B 232 -23.52 8.59 -2.21
N ALA B 233 -23.83 7.80 -3.23
CA ALA B 233 -23.07 6.58 -3.47
C ALA B 233 -23.53 5.94 -4.76
N ASP B 234 -22.62 5.28 -5.48
CA ASP B 234 -23.03 4.46 -6.63
C ASP B 234 -23.88 3.26 -6.20
N LEU B 235 -25.17 3.30 -6.54
CA LEU B 235 -26.06 2.20 -6.22
C LEU B 235 -26.35 1.30 -7.42
N THR B 236 -25.81 1.62 -8.59
CA THR B 236 -26.12 0.86 -9.80
C THR B 236 -24.91 0.24 -10.49
N GLY B 237 -23.71 0.73 -10.19
CA GLY B 237 -22.49 0.20 -10.78
C GLY B 237 -22.07 0.91 -12.05
N ASP B 238 -22.80 1.96 -12.42
CA ASP B 238 -22.51 2.70 -13.64
C ASP B 238 -21.40 3.73 -13.43
N GLY B 239 -20.83 3.75 -12.23
CA GLY B 239 -19.71 4.63 -11.91
C GLY B 239 -20.12 6.04 -11.57
N THR B 240 -21.41 6.32 -11.53
CA THR B 240 -21.89 7.65 -11.17
C THR B 240 -22.66 7.60 -9.87
N ALA B 241 -22.62 8.69 -9.11
CA ALA B 241 -23.19 8.70 -7.77
C ALA B 241 -24.72 8.85 -7.75
N ASP B 242 -25.39 7.94 -7.04
CA ASP B 242 -26.84 8.07 -6.82
C ASP B 242 -27.13 8.71 -5.47
N ILE B 243 -28.41 8.86 -5.12
CA ILE B 243 -28.79 9.42 -3.82
C ILE B 243 -29.69 8.48 -3.02
N ILE B 244 -29.41 8.36 -1.73
CA ILE B 244 -30.20 7.50 -0.85
C ILE B 244 -30.27 8.11 0.54
N GLY B 245 -31.42 7.98 1.19
CA GLY B 245 -31.61 8.53 2.52
C GLY B 245 -32.54 7.70 3.38
N CYS B 246 -32.35 7.77 4.69
CA CYS B 246 -33.22 7.08 5.63
C CYS B 246 -34.26 8.04 6.18
N GLY B 247 -35.51 7.89 5.74
CA GLY B 247 -36.58 8.73 6.23
C GLY B 247 -37.29 8.18 7.44
N LYS B 248 -38.58 8.46 7.56
CA LYS B 248 -39.44 7.89 8.58
C LYS B 248 -39.77 6.44 8.24
N ALA B 249 -40.31 6.23 7.06
CA ALA B 249 -40.83 4.93 6.62
C ALA B 249 -39.74 3.96 6.16
N GLY B 250 -38.52 4.47 5.98
CA GLY B 250 -37.42 3.63 5.53
C GLY B 250 -36.49 4.35 4.59
N CYS B 251 -35.85 3.59 3.70
CA CYS B 251 -34.82 4.12 2.82
C CYS B 251 -35.35 4.49 1.44
N TRP B 252 -35.25 5.76 1.10
CA TRP B 252 -35.66 6.27 -0.20
C TRP B 252 -34.43 6.45 -1.09
N VAL B 253 -34.59 6.18 -2.38
CA VAL B 253 -33.49 6.27 -3.34
C VAL B 253 -33.86 7.06 -4.58
N ALA B 254 -32.99 7.96 -4.98
CA ALA B 254 -33.18 8.64 -6.26
C ALA B 254 -32.04 8.25 -7.19
N LEU B 255 -32.35 7.46 -8.22
CA LEU B 255 -31.32 6.94 -9.10
C LEU B 255 -30.83 7.97 -10.12
N ASN B 256 -29.51 8.06 -10.26
CA ASN B 256 -28.90 8.94 -11.23
C ASN B 256 -29.04 8.32 -12.63
N ASN B 257 -29.77 8.98 -13.52
CA ASN B 257 -30.00 8.38 -14.83
C ASN B 257 -29.75 9.28 -16.05
N GLY B 258 -28.99 10.34 -15.84
CA GLY B 258 -28.63 11.19 -16.97
C GLY B 258 -27.26 11.81 -16.84
N GLY B 259 -26.37 11.13 -16.13
CA GLY B 259 -25.06 11.69 -15.85
C GLY B 259 -25.20 13.00 -15.09
N GLY B 260 -25.96 12.97 -14.00
CA GLY B 260 -26.15 14.16 -13.19
C GLY B 260 -27.59 14.61 -13.05
N VAL B 261 -28.51 13.86 -13.64
CA VAL B 261 -29.94 14.15 -13.45
C VAL B 261 -30.60 12.89 -12.94
N PHE B 262 -31.69 13.04 -12.19
CA PHE B 262 -32.15 11.95 -11.34
C PHE B 262 -33.57 11.47 -11.60
N GLY B 263 -33.77 10.17 -11.41
CA GLY B 263 -35.09 9.59 -11.49
C GLY B 263 -35.88 9.98 -10.27
N GLN B 264 -37.08 9.43 -10.17
CA GLN B 264 -38.00 9.74 -9.07
C GLN B 264 -37.66 8.99 -7.76
N VAL B 265 -37.96 9.60 -6.62
CA VAL B 265 -37.62 9.06 -5.31
C VAL B 265 -38.49 7.84 -4.99
N LYS B 266 -37.86 6.74 -4.58
CA LYS B 266 -38.60 5.52 -4.30
C LYS B 266 -38.18 4.91 -2.97
N LEU B 267 -39.14 4.35 -2.25
CA LEU B 267 -38.84 3.62 -1.02
C LEU B 267 -38.36 2.21 -1.39
N VAL B 268 -37.08 1.95 -1.14
CA VAL B 268 -36.47 0.68 -1.52
C VAL B 268 -36.30 -0.32 -0.35
N ILE B 269 -36.28 0.19 0.87
CA ILE B 269 -36.08 -0.64 2.06
C ILE B 269 -37.03 -0.18 3.16
N ASN B 270 -37.76 -1.14 3.74
CA ASN B 270 -38.78 -0.85 4.75
C ASN B 270 -38.17 -0.86 6.15
N ASP B 271 -37.08 -0.11 6.33
CA ASP B 271 -36.31 -0.14 7.57
C ASP B 271 -35.25 0.97 7.62
N PHE B 272 -34.42 0.95 8.66
CA PHE B 272 -33.44 2.01 8.91
C PHE B 272 -34.04 3.41 9.11
N GLY B 273 -35.37 3.50 9.20
CA GLY B 273 -36.02 4.79 9.36
C GLY B 273 -36.54 5.02 10.77
N THR B 274 -36.87 6.26 11.11
CA THR B 274 -37.37 6.54 12.48
C THR B 274 -38.60 5.70 12.88
N ASP B 275 -39.38 5.28 11.88
CA ASP B 275 -40.53 4.39 12.13
C ASP B 275 -40.14 3.04 12.71
N LYS B 276 -38.88 2.64 12.54
CA LYS B 276 -38.44 1.35 13.07
C LYS B 276 -37.42 1.53 14.18
N GLY B 277 -37.50 2.67 14.86
CA GLY B 277 -36.73 2.92 16.06
C GLY B 277 -35.39 3.58 15.82
N TRP B 278 -35.05 3.83 14.56
CA TRP B 278 -33.75 4.40 14.23
C TRP B 278 -33.65 5.88 14.63
N GLN B 279 -32.64 6.19 15.44
CA GLN B 279 -32.51 7.52 16.05
C GLN B 279 -31.16 8.13 15.79
N ALA B 280 -31.17 9.42 15.44
CA ALA B 280 -29.95 10.17 15.21
C ALA B 280 -28.97 10.00 16.37
N ALA B 281 -29.53 9.90 17.58
CA ALA B 281 -28.71 9.93 18.79
C ALA B 281 -28.13 8.57 19.17
N LYS B 282 -28.50 7.52 18.43
CA LYS B 282 -28.16 6.15 18.83
C LYS B 282 -27.67 5.23 17.73
N HIS B 283 -28.14 5.41 16.50
CA HIS B 283 -27.95 4.37 15.49
C HIS B 283 -27.32 4.86 14.19
N PRO B 284 -26.00 4.96 14.17
CA PRO B 284 -25.38 5.34 12.90
C PRO B 284 -25.74 4.39 11.76
N ARG B 285 -25.94 4.94 10.58
CA ARG B 285 -26.19 4.14 9.39
C ARG B 285 -25.13 4.52 8.37
N PHE B 286 -24.82 3.60 7.45
CA PHE B 286 -23.77 3.85 6.47
C PHE B 286 -24.14 3.25 5.14
N ILE B 287 -23.45 3.70 4.10
CA ILE B 287 -23.53 3.06 2.80
C ILE B 287 -22.15 2.53 2.47
N ALA B 288 -22.06 1.24 2.22
CA ALA B 288 -20.79 0.59 1.92
C ALA B 288 -21.06 -0.63 1.06
N ASP B 289 -20.07 -1.01 0.26
CA ASP B 289 -20.18 -2.21 -0.54
C ASP B 289 -19.77 -3.41 0.29
N LEU B 290 -20.74 -4.26 0.63
CA LEU B 290 -20.46 -5.40 1.49
C LEU B 290 -20.33 -6.67 0.69
N THR B 291 -20.46 -6.55 -0.64
CA THR B 291 -20.48 -7.71 -1.50
C THR B 291 -19.47 -7.67 -2.66
N GLY B 292 -18.67 -6.62 -2.78
CA GLY B 292 -17.70 -6.55 -3.87
C GLY B 292 -18.37 -6.27 -5.21
N ASN B 293 -19.60 -5.75 -5.10
CA ASN B 293 -20.47 -5.40 -6.21
C ASN B 293 -20.05 -4.22 -7.07
N GLY B 294 -19.43 -3.24 -6.43
CA GLY B 294 -19.38 -1.90 -6.97
C GLY B 294 -20.66 -1.11 -6.66
N ARG B 295 -21.63 -1.75 -6.02
CA ARG B 295 -22.87 -1.07 -5.61
C ARG B 295 -23.00 -0.98 -4.10
N GLY B 296 -23.50 0.15 -3.61
CA GLY B 296 -23.58 0.37 -2.18
C GLY B 296 -24.69 -0.37 -1.47
N ASP B 297 -24.37 -0.89 -0.29
CA ASP B 297 -25.33 -1.61 0.55
C ASP B 297 -25.70 -0.81 1.80
N VAL B 298 -26.82 -1.12 2.42
CA VAL B 298 -27.23 -0.38 3.60
C VAL B 298 -26.83 -1.11 4.87
N VAL B 299 -26.05 -0.42 5.71
CA VAL B 299 -25.55 -0.96 6.96
C VAL B 299 -26.02 -0.06 8.10
N GLY B 300 -26.65 -0.64 9.12
CA GLY B 300 -27.13 0.11 10.26
C GLY B 300 -26.81 -0.52 11.59
N PHE B 301 -26.27 0.28 12.51
CA PHE B 301 -26.03 -0.20 13.86
C PHE B 301 -27.26 0.08 14.72
N GLY B 302 -28.19 -0.89 14.77
CA GLY B 302 -29.43 -0.77 15.52
C GLY B 302 -29.33 -1.08 17.01
N ASN B 303 -30.45 -1.48 17.61
CA ASN B 303 -30.48 -1.80 19.03
C ASN B 303 -29.79 -3.14 19.41
N ALA B 304 -30.12 -4.21 18.69
CA ALA B 304 -29.55 -5.53 18.97
C ALA B 304 -28.18 -5.73 18.33
N GLY B 305 -27.83 -4.85 17.39
CA GLY B 305 -26.58 -4.99 16.67
C GLY B 305 -26.66 -4.49 15.24
N VAL B 306 -26.06 -5.23 14.32
CA VAL B 306 -25.83 -4.74 12.96
C VAL B 306 -26.84 -5.27 11.95
N TYR B 307 -27.54 -4.36 11.31
CA TYR B 307 -28.51 -4.69 10.28
C TYR B 307 -27.97 -4.32 8.92
N VAL B 308 -28.37 -5.09 7.91
CA VAL B 308 -27.88 -4.89 6.56
C VAL B 308 -28.98 -5.21 5.56
N ALA B 309 -29.08 -4.41 4.51
CA ALA B 309 -29.90 -4.75 3.36
C ALA B 309 -29.02 -4.65 2.13
N LEU B 310 -29.02 -5.72 1.34
CA LEU B 310 -28.14 -5.84 0.18
C LEU B 310 -28.80 -5.40 -1.12
N ASN B 311 -28.10 -4.50 -1.81
CA ASN B 311 -28.45 -4.05 -3.16
C ASN B 311 -28.36 -5.22 -4.15
N ASN B 312 -29.44 -5.47 -4.87
CA ASN B 312 -29.45 -6.48 -5.92
C ASN B 312 -28.43 -6.21 -7.04
N GLY B 313 -28.13 -4.94 -7.28
CA GLY B 313 -27.21 -4.55 -8.33
C GLY B 313 -27.74 -3.40 -9.16
N ASP B 314 -29.04 -3.16 -9.05
CA ASP B 314 -29.72 -2.16 -9.89
C ASP B 314 -30.35 -1.05 -9.05
N GLY B 315 -30.07 -1.04 -7.75
CA GLY B 315 -30.59 0.00 -6.89
C GLY B 315 -31.84 -0.44 -6.16
N THR B 316 -32.29 -1.65 -6.41
CA THR B 316 -33.34 -2.26 -5.59
C THR B 316 -32.69 -3.09 -4.50
N PHE B 317 -33.39 -3.32 -3.39
CA PHE B 317 -32.73 -4.01 -2.28
C PHE B 317 -33.49 -5.20 -1.75
N GLN B 318 -32.73 -6.18 -1.25
CA GLN B 318 -33.26 -7.28 -0.46
C GLN B 318 -33.68 -6.73 0.89
N SER B 319 -34.56 -7.45 1.59
CA SER B 319 -35.02 -7.02 2.91
C SER B 319 -33.87 -6.91 3.89
N ALA B 320 -33.99 -5.98 4.82
CA ALA B 320 -33.04 -5.85 5.93
C ALA B 320 -33.07 -7.08 6.86
N LYS B 321 -31.89 -7.47 7.34
CA LYS B 321 -31.76 -8.58 8.26
C LYS B 321 -30.59 -8.31 9.21
N LEU B 322 -30.69 -8.80 10.44
CA LEU B 322 -29.60 -8.71 11.41
C LEU B 322 -28.46 -9.67 11.01
N VAL B 323 -27.22 -9.18 11.00
CA VAL B 323 -26.10 -10.04 10.61
C VAL B 323 -25.04 -10.23 11.71
N LEU B 324 -25.15 -9.45 12.77
CA LEU B 324 -24.14 -9.47 13.82
C LEU B 324 -24.72 -8.91 15.11
N LYS B 325 -24.72 -9.72 16.16
CA LYS B 325 -25.22 -9.26 17.46
C LYS B 325 -24.13 -8.57 18.26
N ASP B 326 -23.60 -7.48 17.69
CA ASP B 326 -22.64 -6.65 18.40
C ASP B 326 -22.59 -5.27 17.73
N PHE B 327 -21.83 -4.36 18.33
CA PHE B 327 -21.69 -3.00 17.79
C PHE B 327 -22.99 -2.17 17.85
N GLY B 328 -24.02 -2.67 18.54
CA GLY B 328 -25.25 -1.92 18.72
C GLY B 328 -25.39 -1.32 20.11
N VAL B 329 -26.58 -0.79 20.41
CA VAL B 329 -26.86 -0.15 21.69
C VAL B 329 -26.84 -1.18 22.83
N GLN B 330 -27.37 -2.35 22.56
CA GLN B 330 -27.36 -3.41 23.54
C GLN B 330 -26.00 -3.63 24.15
N GLN B 331 -24.98 -3.58 23.30
CA GLN B 331 -23.66 -3.97 23.75
C GLN B 331 -22.85 -2.78 24.28
N GLY B 332 -23.56 -1.72 24.65
CA GLY B 332 -22.96 -0.57 25.31
C GLY B 332 -22.44 0.51 24.36
N TRP B 333 -22.68 0.35 23.07
CA TRP B 333 -22.17 1.32 22.10
C TRP B 333 -22.95 2.65 22.13
N THR B 334 -22.22 3.76 22.21
CA THR B 334 -22.86 5.06 22.26
C THR B 334 -22.15 6.02 21.32
N VAL B 335 -22.93 6.89 20.69
CA VAL B 335 -22.42 7.86 19.76
C VAL B 335 -21.50 8.89 20.42
N SER B 336 -21.62 9.03 21.75
CA SER B 336 -20.87 10.02 22.51
C SER B 336 -19.43 9.61 22.78
N LYS B 337 -19.21 8.30 22.86
CA LYS B 337 -17.96 7.79 23.38
C LYS B 337 -17.17 6.96 22.36
N HIS B 338 -17.88 6.41 21.37
CA HIS B 338 -17.30 5.41 20.48
C HIS B 338 -17.44 5.77 18.99
N ARG B 339 -16.53 5.24 18.17
CA ARG B 339 -16.60 5.41 16.72
C ARG B 339 -16.86 4.07 16.06
N ARG B 340 -17.68 4.07 15.01
CA ARG B 340 -17.84 2.87 14.18
C ARG B 340 -17.71 3.20 12.70
N PHE B 341 -17.05 2.33 11.95
CA PHE B 341 -16.95 2.51 10.50
C PHE B 341 -17.21 1.21 9.76
N VAL B 342 -17.53 1.36 8.48
CA VAL B 342 -17.74 0.22 7.61
C VAL B 342 -16.84 0.38 6.42
N VAL B 343 -15.67 -0.27 6.48
CA VAL B 343 -14.66 -0.13 5.45
C VAL B 343 -14.01 -1.47 5.16
N ASP B 344 -13.47 -1.62 3.96
CA ASP B 344 -12.76 -2.85 3.62
C ASP B 344 -11.42 -2.85 4.31
N LEU B 345 -11.16 -3.90 5.09
CA LEU B 345 -9.89 -4.04 5.77
C LEU B 345 -9.08 -5.21 5.22
N THR B 346 -9.67 -5.96 4.27
CA THR B 346 -9.05 -7.22 3.83
C THR B 346 -8.81 -7.31 2.32
N GLY B 347 -9.02 -6.20 1.62
CA GLY B 347 -8.75 -6.12 0.20
C GLY B 347 -9.68 -6.94 -0.69
N ASP B 348 -10.81 -7.40 -0.14
CA ASP B 348 -11.75 -8.20 -0.93
C ASP B 348 -12.94 -7.43 -1.48
N GLY B 349 -12.91 -6.10 -1.36
CA GLY B 349 -14.01 -5.28 -1.83
C GLY B 349 -15.30 -5.45 -1.04
N CYS B 350 -15.23 -6.23 0.03
CA CYS B 350 -16.39 -6.44 0.88
C CYS B 350 -16.22 -5.80 2.26
N ALA B 351 -16.81 -4.63 2.45
CA ALA B 351 -16.56 -3.82 3.64
C ALA B 351 -16.69 -4.58 4.97
N ASP B 352 -15.78 -4.30 5.89
CA ASP B 352 -15.83 -4.92 7.21
C ASP B 352 -16.22 -3.92 8.28
N ILE B 353 -16.33 -4.39 9.51
CA ILE B 353 -16.82 -3.55 10.58
C ILE B 353 -15.74 -3.33 11.62
N ILE B 354 -15.47 -2.07 11.91
CA ILE B 354 -14.50 -1.70 12.92
C ILE B 354 -15.11 -0.70 13.89
N GLY B 355 -14.94 -0.97 15.18
CA GLY B 355 -15.48 -0.11 16.20
C GLY B 355 -14.41 0.27 17.18
N PHE B 356 -14.36 1.54 17.53
CA PHE B 356 -13.47 2.01 18.59
C PHE B 356 -14.32 2.09 19.83
N GLY B 357 -14.22 1.06 20.65
CA GLY B 357 -15.18 0.86 21.74
C GLY B 357 -14.73 1.38 23.08
N GLU B 358 -15.28 0.81 24.15
CA GLU B 358 -15.01 1.27 25.50
C GLU B 358 -13.57 1.03 25.95
N LYS B 359 -13.08 -0.19 25.78
CA LYS B 359 -11.71 -0.50 26.16
C LYS B 359 -10.88 -1.14 25.04
N GLU B 360 -11.54 -1.52 23.95
CA GLU B 360 -10.86 -2.18 22.84
C GLU B 360 -11.27 -1.63 21.48
N THR B 361 -10.35 -1.73 20.52
CA THR B 361 -10.67 -1.54 19.11
C THR B 361 -11.06 -2.90 18.53
N LEU B 362 -12.35 -3.06 18.24
CA LEU B 362 -12.92 -4.36 17.86
C LEU B 362 -13.27 -4.42 16.37
N VAL B 363 -13.32 -5.62 15.81
CA VAL B 363 -13.59 -5.78 14.39
C VAL B 363 -14.32 -7.09 14.05
N SER B 364 -15.17 -7.05 13.04
CA SER B 364 -15.82 -8.24 12.50
C SER B 364 -15.65 -8.25 11.00
N TYR B 365 -15.14 -9.36 10.46
CA TYR B 365 -14.80 -9.43 9.05
C TYR B 365 -15.94 -9.96 8.18
N ASN B 366 -16.16 -9.29 7.05
CA ASN B 366 -17.10 -9.73 6.06
C ASN B 366 -16.67 -11.10 5.53
N ASP B 367 -17.61 -12.03 5.39
CA ASP B 367 -17.28 -13.36 4.88
C ASP B 367 -17.13 -13.30 3.37
N GLY B 368 -17.34 -12.12 2.80
CA GLY B 368 -17.22 -11.94 1.36
C GLY B 368 -18.59 -11.98 0.69
N LYS B 369 -19.64 -12.11 1.49
CA LYS B 369 -21.01 -12.20 0.97
C LYS B 369 -21.97 -11.32 1.76
N GLY B 370 -21.46 -10.55 2.70
CA GLY B 370 -22.31 -9.70 3.49
C GLY B 370 -22.65 -10.27 4.86
N ASN B 371 -22.15 -11.47 5.14
CA ASN B 371 -22.23 -12.01 6.48
C ASN B 371 -20.96 -11.70 7.25
N PHE B 372 -21.02 -11.82 8.57
CA PHE B 372 -19.88 -11.44 9.41
C PHE B 372 -19.46 -12.50 10.42
N GLY B 373 -18.14 -12.61 10.63
CA GLY B 373 -17.56 -13.56 11.55
C GLY B 373 -17.45 -12.97 12.95
N PRO B 374 -16.93 -13.76 13.90
CA PRO B 374 -16.90 -13.36 15.31
C PRO B 374 -16.14 -12.06 15.57
N VAL B 375 -16.56 -11.32 16.60
CA VAL B 375 -15.91 -10.04 16.93
C VAL B 375 -14.53 -10.30 17.52
N LYS B 376 -13.50 -9.73 16.89
CA LYS B 376 -12.13 -9.87 17.36
C LYS B 376 -11.54 -8.53 17.78
N ALA B 377 -10.62 -8.57 18.74
CA ALA B 377 -10.01 -7.34 19.24
C ALA B 377 -8.66 -7.08 18.56
N LEU B 378 -8.48 -5.90 17.98
CA LEU B 378 -7.24 -5.57 17.29
C LEU B 378 -6.15 -5.02 18.21
N THR B 379 -6.57 -4.17 19.15
CA THR B 379 -5.64 -3.44 20.00
C THR B 379 -6.41 -2.68 21.06
N ASN B 380 -5.78 -2.45 22.20
CA ASN B 380 -6.37 -1.65 23.25
C ASN B 380 -6.38 -0.18 22.84
N ASP B 381 -5.52 0.19 21.90
CA ASP B 381 -5.37 1.59 21.54
C ASP B 381 -6.60 2.11 20.80
N PHE B 382 -6.76 3.43 20.80
CA PHE B 382 -7.83 4.11 20.07
C PHE B 382 -9.19 3.96 20.72
N SER B 383 -9.28 3.16 21.77
CA SER B 383 -10.54 2.99 22.49
C SER B 383 -10.81 4.17 23.45
N PHE B 384 -12.06 4.30 23.88
CA PHE B 384 -12.45 5.41 24.74
C PHE B 384 -11.50 5.49 25.95
N SER B 385 -11.39 4.40 26.71
CA SER B 385 -10.46 4.30 27.81
C SER B 385 -10.41 5.52 28.74
N GLY B 386 -11.55 6.00 29.23
CA GLY B 386 -11.47 6.93 30.33
C GLY B 386 -11.98 8.36 30.29
N GLY B 387 -11.90 9.05 29.15
CA GLY B 387 -11.40 8.52 27.91
C GLY B 387 -10.17 9.22 27.34
N LYS B 388 -9.10 8.45 27.28
CA LYS B 388 -7.88 8.84 26.62
C LYS B 388 -8.16 9.13 25.15
N TRP B 389 -9.31 8.65 24.66
CA TRP B 389 -9.75 8.88 23.28
C TRP B 389 -11.18 9.43 23.17
N ALA B 390 -11.53 10.38 24.05
CA ALA B 390 -12.86 10.98 23.98
C ALA B 390 -13.05 11.69 22.66
N PRO B 391 -14.22 11.51 22.02
CA PRO B 391 -14.50 12.25 20.78
C PRO B 391 -14.36 13.77 20.95
N GLU B 392 -14.54 14.29 22.16
CA GLU B 392 -14.43 15.72 22.39
C GLU B 392 -13.03 16.25 22.10
N THR B 393 -12.00 15.45 22.38
CA THR B 393 -10.62 15.93 22.33
C THR B 393 -9.73 15.10 21.41
N THR B 394 -10.31 14.07 20.80
CA THR B 394 -9.56 13.27 19.83
C THR B 394 -10.40 13.02 18.60
N VAL B 395 -9.76 12.47 17.57
CA VAL B 395 -10.41 12.23 16.29
C VAL B 395 -9.83 10.96 15.73
N CYS B 396 -10.69 9.99 15.39
CA CYS B 396 -10.22 8.77 14.74
C CYS B 396 -10.84 8.67 13.36
N TRP B 397 -10.01 8.30 12.38
CA TRP B 397 -10.50 8.00 11.04
C TRP B 397 -9.93 6.67 10.56
N MET B 398 -10.60 6.09 9.58
CA MET B 398 -10.01 5.07 8.73
C MET B 398 -9.59 5.78 7.45
N ALA B 399 -8.51 5.32 6.84
CA ALA B 399 -7.98 5.96 5.66
C ALA B 399 -6.98 5.02 5.02
N ASN B 400 -6.88 5.05 3.70
CA ASN B 400 -5.84 4.29 3.02
C ASN B 400 -4.60 5.16 2.87
N LEU B 401 -3.61 4.89 3.71
CA LEU B 401 -2.36 5.61 3.62
C LEU B 401 -1.65 5.35 2.29
N ASP B 402 -1.96 4.23 1.64
CA ASP B 402 -1.49 3.96 0.27
C ASP B 402 -2.58 4.06 -0.80
N SER B 403 -2.52 5.10 -1.63
CA SER B 403 -3.44 5.26 -2.74
C SER B 403 -2.79 4.84 -4.05
C1 NAG C . 19.08 -13.64 -29.70
C2 NAG C . 18.40 -13.18 -28.42
C3 NAG C . 17.02 -12.63 -28.75
C4 NAG C . 17.18 -11.54 -29.80
C5 NAG C . 17.99 -12.02 -31.00
C6 NAG C . 18.24 -10.90 -32.02
C7 NAG C . 19.12 -14.32 -26.39
C8 NAG C . 18.90 -15.44 -25.43
N2 NAG C . 18.32 -14.26 -27.45
O1 NAG C . 20.37 -14.09 -29.40
O3 NAG C . 16.41 -12.11 -27.60
O4 NAG C . 15.90 -11.13 -30.22
O5 NAG C . 19.23 -12.52 -30.55
O6 NAG C . 18.98 -9.88 -31.40
O7 NAG C . 20.03 -13.50 -26.20
C1 NAG D . 0.45 -19.58 -22.80
C2 NAG D . 1.07 -18.75 -21.69
C3 NAG D . -0.03 -18.22 -20.80
C4 NAG D . -1.06 -17.48 -21.67
C5 NAG D . -1.51 -18.34 -22.86
C6 NAG D . -2.46 -17.62 -23.81
C7 NAG D . 3.30 -19.49 -21.11
C8 NAG D . 4.14 -20.34 -20.18
N2 NAG D . 1.99 -19.57 -20.93
O1 NAG D . 1.46 -20.18 -23.57
O3 NAG D . 0.53 -17.37 -19.82
O4 NAG D . -2.17 -17.10 -20.89
O5 NAG D . -0.36 -18.75 -23.59
O6 NAG D . -1.71 -16.89 -24.77
O7 NAG D . 3.84 -18.80 -21.98
C1 NAG E . 36.84 -11.33 -19.91
C2 NAG E . 35.51 -11.14 -19.20
C3 NAG E . 34.70 -10.20 -20.09
C4 NAG E . 35.45 -8.89 -20.18
C5 NAG E . 36.95 -9.07 -20.43
C6 NAG E . 37.70 -7.78 -20.11
C7 NAG E . 34.75 -12.91 -17.74
C8 NAG E . 33.87 -14.12 -17.58
N2 NAG E . 34.81 -12.38 -18.96
O1 NAG E . 37.56 -12.44 -19.43
O3 NAG E . 33.42 -10.00 -19.56
O4 NAG E . 34.89 -8.06 -21.18
O5 NAG E . 37.53 -10.14 -19.69
O6 NAG E . 39.03 -7.95 -20.52
O7 NAG E . 35.37 -12.45 -16.77
C1 NAG F . 41.02 -16.16 0.73
C2 NAG F . 39.77 -15.39 0.34
C3 NAG F . 40.19 -14.19 -0.49
C4 NAG F . 41.18 -13.35 0.29
C5 NAG F . 42.35 -14.22 0.78
C6 NAG F . 43.32 -13.42 1.64
C7 NAG F . 37.80 -16.82 0.15
C8 NAG F . 36.90 -17.56 -0.79
N2 NAG F . 38.86 -16.24 -0.41
O1 NAG F . 40.64 -17.28 1.48
O3 NAG F . 39.04 -13.44 -0.78
O4 NAG F . 41.67 -12.29 -0.50
O5 NAG F . 41.86 -15.33 1.50
O6 NAG F . 44.44 -14.21 1.97
O7 NAG F . 37.55 -16.80 1.35
C1 NAG G . 28.51 -23.40 14.15
C2 NAG G . 27.85 -22.35 13.27
C3 NAG G . 28.81 -21.18 13.33
C4 NAG G . 28.95 -20.73 14.78
C5 NAG G . 29.32 -21.89 15.71
C6 NAG G . 29.34 -21.49 17.18
C7 NAG G . 26.44 -23.19 11.42
C8 NAG G . 26.42 -23.57 9.96
N2 NAG G . 27.63 -22.83 11.92
O1 NAG G . 27.92 -24.65 13.99
O3 NAG G . 28.38 -20.11 12.51
O4 NAG G . 29.95 -19.75 14.85
O5 NAG G . 28.42 -22.96 15.49
O6 NAG G . 28.06 -21.03 17.57
O7 NAG G . 25.39 -23.22 12.06
C1 NAG H . 8.07 -27.32 12.56
C2 NAG H . 8.73 -26.12 11.89
C3 NAG H . 9.50 -25.39 12.99
C4 NAG H . 8.51 -24.97 14.08
C5 NAG H . 7.64 -26.12 14.54
C6 NAG H . 6.51 -25.60 15.43
C7 NAG H . 9.20 -26.43 9.49
C8 NAG H . 10.19 -27.00 8.51
N2 NAG H . 9.56 -26.52 10.78
O1 NAG H . 7.53 -28.15 11.57
O3 NAG H . 10.20 -24.29 12.48
O4 NAG H . 9.19 -24.49 15.21
O5 NAG H . 7.08 -26.83 13.44
O6 NAG H . 5.63 -24.78 14.68
O7 NAG H . 8.15 -25.92 9.09
C1 NAG I . 0.31 26.35 16.70
C2 NAG I . -0.28 25.23 15.87
C3 NAG I . 0.77 24.12 15.91
C4 NAG I . 2.04 24.64 15.24
C5 NAG I . 2.46 26.02 15.78
C6 NAG I . 3.47 26.68 14.85
C7 NAG I . -2.74 25.19 15.85
C8 NAG I . -3.98 24.62 16.47
N2 NAG I . -1.58 24.80 16.38
O1 NAG I . -0.66 27.32 16.96
O3 NAG I . 0.32 22.95 15.24
O4 NAG I . 3.09 23.72 15.42
O5 NAG I . 1.37 26.90 15.95
O6 NAG I . 4.59 27.05 15.61
O7 NAG I . -2.81 25.98 14.91
C1 NAG J . -13.07 35.32 3.66
C2 NAG J . -12.67 33.86 3.50
C3 NAG J . -11.16 33.79 3.31
C4 NAG J . -10.73 34.73 2.16
C5 NAG J . -11.32 36.12 2.37
C6 NAG J . -11.00 37.08 1.24
C7 NAG J . -14.34 32.42 4.57
C8 NAG J . -14.83 31.77 5.83
N2 NAG J . -13.16 33.06 4.62
O1 NAG J . -14.45 35.41 3.84
O3 NAG J . -10.75 32.46 3.07
O4 NAG J . -9.34 34.82 2.03
O5 NAG J . -12.71 36.01 2.51
O6 NAG J . -11.58 36.56 0.05
O7 NAG J . -15.03 32.33 3.55
C1 NAG K . -31.62 28.75 -3.03
C2 NAG K . -30.54 27.79 -2.55
C3 NAG K . -29.31 28.32 -3.27
C4 NAG K . -29.59 28.34 -4.78
C5 NAG K . -30.98 28.85 -5.15
C6 NAG K . -31.34 28.60 -6.60
C7 NAG K . -30.80 26.81 -0.31
C8 NAG K . -30.48 26.95 1.17
N2 NAG K . -30.39 27.80 -1.11
O1 NAG K . -32.71 28.89 -2.16
O3 NAG K . -28.15 27.58 -2.99
O4 NAG K . -28.68 29.22 -5.38
O5 NAG K . -31.98 28.30 -4.32
O6 NAG K . -32.42 29.45 -6.86
O7 NAG K . -31.40 25.83 -0.71
C1 NAG L . -35.91 -3.27 15.46
C2 NAG L . -34.92 -2.67 14.48
C3 NAG L . -35.53 -2.79 13.11
C4 NAG L . -35.78 -4.26 12.82
C5 NAG L . -36.47 -5.02 13.95
C6 NAG L . -36.15 -6.49 13.80
C7 NAG L . -33.69 -0.89 15.59
C8 NAG L . -33.67 0.56 15.96
N2 NAG L . -34.68 -1.28 14.78
O1 NAG L . -35.40 -3.07 16.76
O3 NAG L . -34.67 -2.24 12.14
O4 NAG L . -36.63 -4.38 11.70
O5 NAG L . -36.02 -4.65 15.24
O6 NAG L . -37.29 -7.25 14.09
O7 NAG L . -32.83 -1.66 16.03
C1 NAG M . -17.73 -4.82 25.16
C2 NAG M . -17.97 -4.23 23.79
C3 NAG M . -18.67 -5.28 22.94
C4 NAG M . -17.85 -6.57 22.95
C5 NAG M . -17.41 -6.95 24.36
C6 NAG M . -16.42 -8.11 24.38
C7 NAG M . -18.15 -1.80 23.82
C8 NAG M . -19.01 -0.61 24.13
N2 NAG M . -18.74 -2.99 23.88
O1 NAG M . -17.16 -3.83 25.96
O3 NAG M . -18.85 -4.82 21.61
O4 NAG M . -18.61 -7.61 22.40
O5 NAG M . -16.79 -5.87 25.00
O6 NAG M . -15.30 -7.73 23.63
O7 NAG M . -16.96 -1.65 23.54
#